data_442D
# 
_entry.id   442D 
# 
_audit_conform.dict_name       mmcif_pdbx.dic 
_audit_conform.dict_version    5.383 
_audit_conform.dict_location   http://mmcif.pdb.org/dictionaries/ascii/mmcif_pdbx.dic 
# 
loop_
_database_2.database_id 
_database_2.database_code 
_database_2.pdbx_database_accession 
_database_2.pdbx_DOI 
PDB   442D         pdb_0000442d 10.2210/pdb442d/pdb 
NDB   DD0003       ?            ?                   
RCSB  RCSB001335   ?            ?                   
WWPDB D_1000001335 ?            ?                   
# 
loop_
_pdbx_audit_revision_history.ordinal 
_pdbx_audit_revision_history.data_content_type 
_pdbx_audit_revision_history.major_revision 
_pdbx_audit_revision_history.minor_revision 
_pdbx_audit_revision_history.revision_date 
1 'Structure model' 1 0 2000-02-02 
2 'Structure model' 1 1 2008-04-26 
3 'Structure model' 1 2 2011-07-13 
4 'Structure model' 1 3 2018-03-07 
5 'Structure model' 1 4 2023-12-27 
# 
_pdbx_audit_revision_details.ordinal             1 
_pdbx_audit_revision_details.revision_ordinal    1 
_pdbx_audit_revision_details.data_content_type   'Structure model' 
_pdbx_audit_revision_details.provider            repository 
_pdbx_audit_revision_details.type                'Initial release' 
_pdbx_audit_revision_details.description         ? 
_pdbx_audit_revision_details.details             ? 
# 
loop_
_pdbx_audit_revision_group.ordinal 
_pdbx_audit_revision_group.revision_ordinal 
_pdbx_audit_revision_group.data_content_type 
_pdbx_audit_revision_group.group 
1 2 'Structure model' 'Version format compliance' 
2 3 'Structure model' 'Version format compliance' 
3 4 'Structure model' 'Data collection'           
4 5 'Structure model' 'Data collection'           
5 5 'Structure model' 'Database references'       
6 5 'Structure model' 'Derived calculations'      
# 
loop_
_pdbx_audit_revision_category.ordinal 
_pdbx_audit_revision_category.revision_ordinal 
_pdbx_audit_revision_category.data_content_type 
_pdbx_audit_revision_category.category 
1 4 'Structure model' diffrn_source          
2 5 'Structure model' chem_comp_atom         
3 5 'Structure model' chem_comp_bond         
4 5 'Structure model' database_2             
5 5 'Structure model' pdbx_struct_conn_angle 
6 5 'Structure model' struct_conn            
7 5 'Structure model' struct_site            
# 
loop_
_pdbx_audit_revision_item.ordinal 
_pdbx_audit_revision_item.revision_ordinal 
_pdbx_audit_revision_item.data_content_type 
_pdbx_audit_revision_item.item 
1  4 'Structure model' '_diffrn_source.source'                       
2  5 'Structure model' '_database_2.pdbx_DOI'                        
3  5 'Structure model' '_database_2.pdbx_database_accession'         
4  5 'Structure model' '_pdbx_struct_conn_angle.ptnr1_auth_asym_id'  
5  5 'Structure model' '_pdbx_struct_conn_angle.ptnr1_auth_comp_id'  
6  5 'Structure model' '_pdbx_struct_conn_angle.ptnr1_auth_seq_id'   
7  5 'Structure model' '_pdbx_struct_conn_angle.ptnr1_label_asym_id' 
8  5 'Structure model' '_pdbx_struct_conn_angle.ptnr1_label_atom_id' 
9  5 'Structure model' '_pdbx_struct_conn_angle.ptnr1_label_comp_id' 
10 5 'Structure model' '_pdbx_struct_conn_angle.ptnr1_label_seq_id'  
11 5 'Structure model' '_pdbx_struct_conn_angle.ptnr1_symmetry'      
12 5 'Structure model' '_pdbx_struct_conn_angle.ptnr2_auth_seq_id'   
13 5 'Structure model' '_pdbx_struct_conn_angle.ptnr2_label_asym_id' 
14 5 'Structure model' '_pdbx_struct_conn_angle.ptnr3_auth_asym_id'  
15 5 'Structure model' '_pdbx_struct_conn_angle.ptnr3_auth_comp_id'  
16 5 'Structure model' '_pdbx_struct_conn_angle.ptnr3_auth_seq_id'   
17 5 'Structure model' '_pdbx_struct_conn_angle.ptnr3_label_asym_id' 
18 5 'Structure model' '_pdbx_struct_conn_angle.ptnr3_label_atom_id' 
19 5 'Structure model' '_pdbx_struct_conn_angle.ptnr3_label_comp_id' 
20 5 'Structure model' '_pdbx_struct_conn_angle.ptnr3_label_seq_id'  
21 5 'Structure model' '_pdbx_struct_conn_angle.ptnr3_symmetry'      
22 5 'Structure model' '_pdbx_struct_conn_angle.value'               
23 5 'Structure model' '_struct_conn.pdbx_dist_value'                
24 5 'Structure model' '_struct_conn.ptnr1_auth_comp_id'             
25 5 'Structure model' '_struct_conn.ptnr1_auth_seq_id'              
26 5 'Structure model' '_struct_conn.ptnr1_label_asym_id'            
27 5 'Structure model' '_struct_conn.ptnr1_label_atom_id'            
28 5 'Structure model' '_struct_conn.ptnr1_label_comp_id'            
29 5 'Structure model' '_struct_conn.ptnr1_label_seq_id'             
30 5 'Structure model' '_struct_conn.ptnr2_auth_asym_id'             
31 5 'Structure model' '_struct_conn.ptnr2_auth_comp_id'             
32 5 'Structure model' '_struct_conn.ptnr2_auth_seq_id'              
33 5 'Structure model' '_struct_conn.ptnr2_label_asym_id'            
34 5 'Structure model' '_struct_conn.ptnr2_label_atom_id'            
35 5 'Structure model' '_struct_conn.ptnr2_label_comp_id'            
36 5 'Structure model' '_struct_conn.ptnr2_label_seq_id'             
37 5 'Structure model' '_struct_conn.ptnr2_symmetry'                 
38 5 'Structure model' '_struct_site.pdbx_auth_asym_id'              
39 5 'Structure model' '_struct_site.pdbx_auth_comp_id'              
40 5 'Structure model' '_struct_site.pdbx_auth_seq_id'               
# 
_pdbx_database_status.status_code                     REL 
_pdbx_database_status.entry_id                        442D 
_pdbx_database_status.recvd_initial_deposition_date   1999-01-14 
_pdbx_database_status.deposit_site                    NDB 
_pdbx_database_status.process_site                    NDB 
_pdbx_database_status.status_code_sf                  REL 
_pdbx_database_status.SG_entry                        . 
_pdbx_database_status.pdb_format_compatible           Y 
_pdbx_database_status.status_code_mr                  ? 
_pdbx_database_status.status_code_cs                  ? 
_pdbx_database_status.methods_development_category    ? 
_pdbx_database_status.status_code_nmr_data            ? 
# 
loop_
_audit_author.name 
_audit_author.pdbx_ordinal 
'Clark, G.R.'  1 
'Squire, C.J.' 2 
'Martin, R.F.' 3 
'White, J.'    4 
# 
loop_
_citation.id 
_citation.title 
_citation.journal_abbrev 
_citation.journal_volume 
_citation.page_first 
_citation.page_last 
_citation.year 
_citation.journal_id_ASTM 
_citation.country 
_citation.journal_id_ISSN 
_citation.journal_id_CSD 
_citation.book_publisher 
_citation.pdbx_database_id_PubMed 
_citation.pdbx_database_id_DOI 
primary 
;Structures of m-iodo Hoechst-DNA complexes in crystals with reduced solvent content: implications for minor groove binder drug design.
;
'Nucleic Acids Res.' 28 1252 1258 2000 NARHAD UK 0305-1048 0389 ? 10666470 10.1093/nar/28.5.1252 
1       'Intermolecular interactions and water structure in a condensed phase B-DNA crystal' 'Nucleic Acids Res.' 28 1259 1265 
2000 NARHAD UK 0305-1048 0389 ? ?        10.1093/nar/28.5.1259 
# 
loop_
_citation_author.citation_id 
_citation_author.name 
_citation_author.ordinal 
_citation_author.identifier_ORCID 
primary 'Squire, C.J.' 1  ? 
primary 'Baker, L.J.'  2  ? 
primary 'Clark, G.R.'  3  ? 
primary 'Martin, R.F.' 4  ? 
primary 'White, J.'    5  ? 
1       'Clark, G.R.'  6  ? 
1       'Squire, C.J.' 7  ? 
1       'Baker, L.J.'  8  ? 
1       'Martin, R.F.' 9  ? 
1       'White, J.'    10 ? 
# 
loop_
_entity.id 
_entity.type 
_entity.src_method 
_entity.pdbx_description 
_entity.formula_weight 
_entity.pdbx_number_of_molecules 
_entity.pdbx_ec 
_entity.pdbx_mutation 
_entity.pdbx_fragment 
_entity.details 
1 polymer     syn 
;DNA (5'-D(*CP*GP*CP*GP*AP*AP*TP*TP*CP*GP*CP*G)-3')
;
3663.392 2  ? ? ? ? 
2 non-polymer syn "2'-(3-IODO-4-METHOXYPHENYL)-5-(4-METHYL-1-PIPERAZINYL)-2,5'-BI-BENZIMIDAZOLE" 565.429  1  ? ? ? ? 
3 non-polymer syn 'MAGNESIUM ION'                                                                24.305   2  ? ? ? ? 
4 water       nat water                                                                          18.015   49 ? ? ? ? 
# 
_entity_poly.entity_id                      1 
_entity_poly.type                           polydeoxyribonucleotide 
_entity_poly.nstd_linkage                   no 
_entity_poly.nstd_monomer                   no 
_entity_poly.pdbx_seq_one_letter_code       '(DC)(DG)(DC)(DG)(DA)(DA)(DT)(DT)(DC)(DG)(DC)(DG)' 
_entity_poly.pdbx_seq_one_letter_code_can   CGCGAATTCGCG 
_entity_poly.pdbx_strand_id                 A,B 
_entity_poly.pdbx_target_identifier         ? 
# 
loop_
_pdbx_entity_nonpoly.entity_id 
_pdbx_entity_nonpoly.name 
_pdbx_entity_nonpoly.comp_id 
2 "2'-(3-IODO-4-METHOXYPHENYL)-5-(4-METHYL-1-PIPERAZINYL)-2,5'-BI-BENZIMIDAZOLE" IB  
3 'MAGNESIUM ION'                                                                MG  
4 water                                                                          HOH 
# 
loop_
_entity_poly_seq.entity_id 
_entity_poly_seq.num 
_entity_poly_seq.mon_id 
_entity_poly_seq.hetero 
1 1  DC n 
1 2  DG n 
1 3  DC n 
1 4  DG n 
1 5  DA n 
1 6  DA n 
1 7  DT n 
1 8  DT n 
1 9  DC n 
1 10 DG n 
1 11 DC n 
1 12 DG n 
# 
loop_
_chem_comp.id 
_chem_comp.type 
_chem_comp.mon_nstd_flag 
_chem_comp.name 
_chem_comp.pdbx_synonyms 
_chem_comp.formula 
_chem_comp.formula_weight 
DA  'DNA linking' y "2'-DEOXYADENOSINE-5'-MONOPHOSPHATE"                                           ? 'C10 H14 N5 O6 P'  331.222 
DC  'DNA linking' y "2'-DEOXYCYTIDINE-5'-MONOPHOSPHATE"                                            ? 'C9 H14 N3 O7 P'   307.197 
DG  'DNA linking' y "2'-DEOXYGUANOSINE-5'-MONOPHOSPHATE"                                           ? 'C10 H14 N5 O7 P'  347.221 
DT  'DNA linking' y "THYMIDINE-5'-MONOPHOSPHATE"                                                   ? 'C10 H15 N2 O8 P'  322.208 
HOH non-polymer   . WATER                                                                          ? 'H2 O'             18.015  
IB  non-polymer   . "2'-(3-IODO-4-METHOXYPHENYL)-5-(4-METHYL-1-PIPERAZINYL)-2,5'-BI-BENZIMIDAZOLE" ? 'C26 H26 I N6 O 1' 565.429 
MG  non-polymer   . 'MAGNESIUM ION'                                                                ? 'Mg 2'             24.305  
# 
loop_
_pdbx_poly_seq_scheme.asym_id 
_pdbx_poly_seq_scheme.entity_id 
_pdbx_poly_seq_scheme.seq_id 
_pdbx_poly_seq_scheme.mon_id 
_pdbx_poly_seq_scheme.ndb_seq_num 
_pdbx_poly_seq_scheme.pdb_seq_num 
_pdbx_poly_seq_scheme.auth_seq_num 
_pdbx_poly_seq_scheme.pdb_mon_id 
_pdbx_poly_seq_scheme.auth_mon_id 
_pdbx_poly_seq_scheme.pdb_strand_id 
_pdbx_poly_seq_scheme.pdb_ins_code 
_pdbx_poly_seq_scheme.hetero 
A 1 1  DC 1  1  1  DC C A . n 
A 1 2  DG 2  2  2  DG G A . n 
A 1 3  DC 3  3  3  DC C A . n 
A 1 4  DG 4  4  4  DG G A . n 
A 1 5  DA 5  5  5  DA A A . n 
A 1 6  DA 6  6  6  DA A A . n 
A 1 7  DT 7  7  7  DT T A . n 
A 1 8  DT 8  8  8  DT T A . n 
A 1 9  DC 9  9  9  DC C A . n 
A 1 10 DG 10 10 10 DG G A . n 
A 1 11 DC 11 11 11 DC C A . n 
A 1 12 DG 12 12 12 DG G A . n 
B 1 1  DC 1  13 13 DC C B . n 
B 1 2  DG 2  14 14 DG G B . n 
B 1 3  DC 3  15 15 DC C B . n 
B 1 4  DG 4  16 16 DG G B . n 
B 1 5  DA 5  17 17 DA A B . n 
B 1 6  DA 6  18 18 DA A B . n 
B 1 7  DT 7  19 19 DT T B . n 
B 1 8  DT 8  20 20 DT T B . n 
B 1 9  DC 9  21 21 DC C B . n 
B 1 10 DG 10 22 22 DG G B . n 
B 1 11 DC 11 23 23 DC C B . n 
B 1 12 DG 12 24 24 DG G B . n 
# 
loop_
_pdbx_nonpoly_scheme.asym_id 
_pdbx_nonpoly_scheme.entity_id 
_pdbx_nonpoly_scheme.mon_id 
_pdbx_nonpoly_scheme.ndb_seq_num 
_pdbx_nonpoly_scheme.pdb_seq_num 
_pdbx_nonpoly_scheme.auth_seq_num 
_pdbx_nonpoly_scheme.pdb_mon_id 
_pdbx_nonpoly_scheme.auth_mon_id 
_pdbx_nonpoly_scheme.pdb_strand_id 
_pdbx_nonpoly_scheme.pdb_ins_code 
C 2 IB  1  25 25 IB  IB  A . 
D 3 MG  1  26 26 MG  MO4 A . 
E 3 MG  1  27 27 MG  MO3 A . 
F 4 HOH 1  29 29 HOH HOH A . 
F 4 HOH 2  30 30 HOH HOH A . 
F 4 HOH 3  32 32 HOH HOH A . 
F 4 HOH 4  33 33 HOH HOH A . 
F 4 HOH 5  35 35 HOH HOH A . 
F 4 HOH 6  36 36 HOH HOH A . 
F 4 HOH 7  39 39 HOH HOH A . 
F 4 HOH 8  40 40 HOH HOH A . 
F 4 HOH 9  43 43 HOH HOH A . 
F 4 HOH 10 45 45 HOH HOH A . 
F 4 HOH 11 46 46 HOH HOH A . 
F 4 HOH 12 47 47 HOH HOH A . 
F 4 HOH 13 48 48 HOH HOH A . 
F 4 HOH 14 49 49 HOH HOH A . 
F 4 HOH 15 50 50 HOH HOH A . 
F 4 HOH 16 51 51 HOH HOH A . 
F 4 HOH 17 52 52 HOH HOH A . 
F 4 HOH 18 53 53 HOH HOH A . 
F 4 HOH 19 55 55 HOH HOH A . 
F 4 HOH 20 57 57 HOH HOH A . 
F 4 HOH 21 60 60 HOH HOH A . 
F 4 HOH 22 65 65 HOH HOH A . 
F 4 HOH 23 67 67 HOH HOH A . 
F 4 HOH 24 68 68 HOH HOH A . 
F 4 HOH 25 71 71 HOH HOH A . 
F 4 HOH 26 72 26 HOH MO4 A . 
F 4 HOH 27 73 26 HOH MO4 A . 
F 4 HOH 28 74 26 HOH MO4 A . 
F 4 HOH 29 75 26 HOH MO4 A . 
F 4 HOH 30 76 27 HOH MO3 A . 
F 4 HOH 31 77 27 HOH MO3 A . 
F 4 HOH 32 78 27 HOH MO3 A . 
G 4 HOH 1  28 28 HOH HOH B . 
G 4 HOH 2  31 31 HOH HOH B . 
G 4 HOH 3  34 34 HOH HOH B . 
G 4 HOH 4  37 37 HOH HOH B . 
G 4 HOH 5  38 38 HOH HOH B . 
G 4 HOH 6  41 41 HOH HOH B . 
G 4 HOH 7  42 42 HOH HOH B . 
G 4 HOH 8  44 44 HOH HOH B . 
G 4 HOH 9  54 54 HOH HOH B . 
G 4 HOH 10 56 56 HOH HOH B . 
G 4 HOH 11 58 58 HOH HOH B . 
G 4 HOH 12 59 59 HOH HOH B . 
G 4 HOH 13 61 61 HOH HOH B . 
G 4 HOH 14 63 63 HOH HOH B . 
G 4 HOH 15 64 64 HOH HOH B . 
G 4 HOH 16 69 69 HOH HOH B . 
G 4 HOH 17 70 70 HOH HOH B . 
# 
loop_
_software.name 
_software.classification 
_software.version 
_software.citation_id 
_software.pdbx_ordinal 
X-PLOR    'model building' . ? 1 
SHELXL-97 refinement       . ? 2 
SAINT     'data reduction' . ? 3 
SAINT     'data scaling'   . ? 4 
SADABS    'data scaling'   . ? 5 
X-PLOR    phasing          . ? 6 
# 
_cell.entry_id           442D 
_cell.length_a           24.560 
_cell.length_b           33.850 
_cell.length_c           61.150 
_cell.angle_alpha        90.00 
_cell.angle_beta         90.00 
_cell.angle_gamma        90.00 
_cell.Z_PDB              8 
_cell.pdbx_unique_axis   ? 
# 
_symmetry.entry_id                         442D 
_symmetry.space_group_name_H-M             'P 21 21 21' 
_symmetry.pdbx_full_space_group_name_H-M   ? 
_symmetry.cell_setting                     orthorhombic 
_symmetry.Int_Tables_number                19 
# 
_exptl.entry_id          442D 
_exptl.method            'X-RAY DIFFRACTION' 
_exptl.crystals_number   1 
# 
_exptl_crystal.id                    1 
_exptl_crystal.density_meas          ? 
_exptl_crystal.density_percent_sol   29.09 
_exptl_crystal.density_Matthews      1.73 
_exptl_crystal.description           ? 
# 
_exptl_crystal_grow.crystal_id      1 
_exptl_crystal_grow.method          'VAPOR DIFFUSION, SITTING DROP' 
_exptl_crystal_grow.temp            293 
_exptl_crystal_grow.temp_details    ? 
_exptl_crystal_grow.pH              7.0 
_exptl_crystal_grow.pdbx_details    'pH 7.0, VAPOR DIFFUSION, SITTING DROP, temperature 293K' 
_exptl_crystal_grow.pdbx_pH_range   ? 
# 
loop_
_exptl_crystal_grow_comp.crystal_id 
_exptl_crystal_grow_comp.id 
_exptl_crystal_grow_comp.sol_id 
_exptl_crystal_grow_comp.name 
_exptl_crystal_grow_comp.volume 
_exptl_crystal_grow_comp.conc 
_exptl_crystal_grow_comp.details 
1 1 1 MGCL2               ? ? ? 
1 2 1 SPERMINE            ? ? ? 
1 3 1 MPD                 ? ? ? 
1 4 1 METHANOL            ? ? ? 
1 5 1 'SODIUM CACODYLATE' ? ? ? 
1 6 2 MPD                 ? ? ? 
# 
_diffrn.id                     1 
_diffrn.ambient_temp           293 
_diffrn.ambient_temp_details   ? 
_diffrn.crystal_id             1 
# 
_diffrn_detector.diffrn_id              1 
_diffrn_detector.detector               CCD 
_diffrn_detector.type                   'BRUKER SMART' 
_diffrn_detector.pdbx_collection_date   1997-09-27 
_diffrn_detector.details                ? 
# 
_diffrn_radiation.diffrn_id                        1 
_diffrn_radiation.wavelength_id                    1 
_diffrn_radiation.pdbx_monochromatic_or_laue_m_l   M 
_diffrn_radiation.monochromator                    GRAPHITE 
_diffrn_radiation.pdbx_diffrn_protocol             'SINGLE WAVELENGTH' 
_diffrn_radiation.pdbx_scattering_type             x-ray 
# 
_diffrn_radiation_wavelength.id           1 
_diffrn_radiation_wavelength.wavelength   0.7107 
_diffrn_radiation_wavelength.wt           1.0 
# 
_diffrn_source.diffrn_id                   1 
_diffrn_source.source                      'ROTATING ANODE' 
_diffrn_source.type                        SIEMENS 
_diffrn_source.pdbx_synchrotron_site       ? 
_diffrn_source.pdbx_synchrotron_beamline   ? 
_diffrn_source.pdbx_wavelength             0.7107 
_diffrn_source.pdbx_wavelength_list        ? 
# 
_reflns.entry_id                     442D 
_reflns.observed_criterion_sigma_I   ? 
_reflns.observed_criterion_sigma_F   0.0 
_reflns.d_resolution_low             ? 
_reflns.d_resolution_high            1.6 
_reflns.number_obs                   10398 
_reflns.number_all                   10398 
_reflns.percent_possible_obs         97.5 
_reflns.pdbx_Rmerge_I_obs            0.0760000 
_reflns.pdbx_Rsym_value              ? 
_reflns.pdbx_netI_over_sigmaI        ? 
_reflns.B_iso_Wilson_estimate        ? 
_reflns.pdbx_redundancy              5.04 
_reflns.R_free_details               ? 
_reflns.pdbx_diffrn_id               1 
_reflns.pdbx_ordinal                 1 
# 
_reflns_shell.d_res_high             1.600 
_reflns_shell.d_res_low              1.657 
_reflns_shell.percent_possible_all   ? 
_reflns_shell.Rmerge_I_obs           0.2520000 
_reflns_shell.pdbx_Rsym_value        ? 
_reflns_shell.meanI_over_sigI_obs    ? 
_reflns_shell.pdbx_redundancy        ? 
_reflns_shell.percent_possible_obs   ? 
_reflns_shell.number_unique_all      ? 
_reflns_shell.pdbx_diffrn_id         ? 
_reflns_shell.pdbx_ordinal           1 
# 
_refine.entry_id                                 442D 
_refine.ls_number_reflns_obs                     10031 
_refine.ls_number_reflns_all                     12649 
_refine.pdbx_ls_sigma_I                          ? 
_refine.pdbx_ls_sigma_F                          4.0 
_refine.pdbx_data_cutoff_high_absF               ? 
_refine.pdbx_data_cutoff_low_absF                ? 
_refine.pdbx_data_cutoff_high_rms_absF           ? 
_refine.ls_d_res_low                             8.0 
_refine.ls_d_res_high                            1.6 
_refine.ls_percent_reflns_obs                    ? 
_refine.ls_R_factor_obs                          0.1490000 
_refine.ls_R_factor_all                          ? 
_refine.ls_R_factor_R_work                       ? 
_refine.ls_R_factor_R_free                       ? 
_refine.ls_R_factor_R_free_error                 ? 
_refine.ls_R_factor_R_free_error_details         ? 
_refine.ls_percent_reflns_R_free                 ? 
_refine.ls_number_reflns_R_free                  ? 
_refine.ls_number_parameters                     ? 
_refine.ls_number_restraints                     ? 
_refine.occupancy_min                            ? 
_refine.occupancy_max                            ? 
_refine.B_iso_mean                               ? 
_refine.aniso_B[1][1]                            ? 
_refine.aniso_B[2][2]                            ? 
_refine.aniso_B[3][3]                            ? 
_refine.aniso_B[1][2]                            ? 
_refine.aniso_B[1][3]                            ? 
_refine.aniso_B[2][3]                            ? 
_refine.solvent_model_details                    ? 
_refine.solvent_model_param_ksol                 ? 
_refine.solvent_model_param_bsol                 ? 
_refine.pdbx_ls_cross_valid_method               THROUGHOUT 
_refine.details                                  ? 
_refine.pdbx_starting_model                      ? 
_refine.pdbx_method_to_determine_struct          ? 
_refine.pdbx_isotropic_thermal_model             ? 
_refine.pdbx_stereochemistry_target_values       ? 
_refine.pdbx_stereochem_target_val_spec_case     ? 
_refine.pdbx_R_Free_selection_details            RANDOM 
_refine.pdbx_overall_ESU_R                       ? 
_refine.pdbx_overall_ESU_R_Free                  ? 
_refine.overall_SU_ML                            ? 
_refine.overall_SU_B                             ? 
_refine.ls_redundancy_reflns_obs                 ? 
_refine.correlation_coeff_Fo_to_Fc               ? 
_refine.correlation_coeff_Fo_to_Fc_free          ? 
_refine.overall_SU_R_Cruickshank_DPI             ? 
_refine.overall_SU_R_free                        ? 
_refine.pdbx_refine_id                           'X-RAY DIFFRACTION' 
_refine.pdbx_diffrn_id                           1 
_refine.pdbx_TLS_residual_ADP_flag               ? 
_refine.pdbx_solvent_vdw_probe_radii             ? 
_refine.pdbx_solvent_ion_probe_radii             ? 
_refine.pdbx_solvent_shrinkage_radii             ? 
_refine.pdbx_overall_phase_error                 ? 
_refine.pdbx_overall_SU_R_free_Cruickshank_DPI   ? 
_refine.pdbx_overall_SU_R_Blow_DPI               ? 
_refine.pdbx_overall_SU_R_free_Blow_DPI          ? 
# 
_refine_hist.pdbx_refine_id                   'X-RAY DIFFRACTION' 
_refine_hist.cycle_id                         LAST 
_refine_hist.pdbx_number_atoms_protein        0 
_refine_hist.pdbx_number_atoms_nucleic_acid   486 
_refine_hist.pdbx_number_atoms_ligand         43 
_refine_hist.number_atoms_solvent             42 
_refine_hist.number_atoms_total               571 
_refine_hist.d_res_high                       1.6 
_refine_hist.d_res_low                        8.0 
# 
loop_
_refine_ls_restr.type 
_refine_ls_restr.dev_ideal 
_refine_ls_restr.dev_ideal_target 
_refine_ls_restr.weight 
_refine_ls_restr.number 
_refine_ls_restr.pdbx_refine_id 
_refine_ls_restr.pdbx_restraint_function 
s_bond_d               0.007 ? ? ? 'X-RAY DIFFRACTION' ? 
s_angle_d              0.017 ? ? ? 'X-RAY DIFFRACTION' ? 
s_similar_dist         ?     ? ? ? 'X-RAY DIFFRACTION' ? 
s_from_restr_planes    ?     ? ? ? 'X-RAY DIFFRACTION' ? 
s_zero_chiral_vol      ?     ? ? ? 'X-RAY DIFFRACTION' ? 
s_non_zero_chiral_vol  ?     ? ? ? 'X-RAY DIFFRACTION' ? 
s_anti_bump_dis_restr  ?     ? ? ? 'X-RAY DIFFRACTION' ? 
s_rigid_bond_adp_cmpnt ?     ? ? ? 'X-RAY DIFFRACTION' ? 
s_similar_adp_cmpnt    ?     ? ? ? 'X-RAY DIFFRACTION' ? 
s_approx_iso_adps      ?     ? ? ? 'X-RAY DIFFRACTION' ? 
# 
_pdbx_refine.entry_id                                    442D 
_pdbx_refine.R_factor_all_no_cutoff                      ? 
_pdbx_refine.R_factor_obs_no_cutoff                      ? 
_pdbx_refine.free_R_factor_no_cutoff                     ? 
_pdbx_refine.free_R_val_test_set_size_perc_no_cutoff     ? 
_pdbx_refine.free_R_val_test_set_ct_no_cutoff            ? 
_pdbx_refine.R_factor_all_4sig_cutoff                    ? 
_pdbx_refine.R_factor_obs_4sig_cutoff                    0.1490000 
_pdbx_refine.free_R_factor_4sig_cutoff                   0.1670000 
_pdbx_refine.free_R_val_test_set_size_perc_4sig_cutoff   10.0 
_pdbx_refine.free_R_val_test_set_ct_4sig_cutoff          1016 
_pdbx_refine.number_reflns_obs_4sig_cutoff               10031 
_pdbx_refine.number_reflns_obs_no_cutoff                 ? 
_pdbx_refine.pdbx_refine_id                              'X-RAY DIFFRACTION' 
_pdbx_refine.free_R_error_no_cutoff                      ? 
# 
_struct.entry_id                  442D 
_struct.title                     
;5'-D(*CP*GP*CP*GP*AP*AP*TP*TP*CP*GP*CP*G)-3', BENZIMIDAZOLE DERIVATIVE COMPLEX
;
_struct.pdbx_model_details        ? 
_struct.pdbx_CASP_flag            ? 
_struct.pdbx_model_type_details   ? 
# 
_struct_keywords.entry_id        442D 
_struct_keywords.pdbx_keywords   DNA 
_struct_keywords.text            'B-DNA, MINOR GROOVE BINDING, DNA' 
# 
loop_
_struct_asym.id 
_struct_asym.pdbx_blank_PDB_chainid_flag 
_struct_asym.pdbx_modified 
_struct_asym.entity_id 
_struct_asym.details 
A N N 1 ? 
B N N 1 ? 
C N N 2 ? 
D N N 3 ? 
E N N 3 ? 
F N N 4 ? 
G N N 4 ? 
# 
_struct_ref.id                         1 
_struct_ref.entity_id                  1 
_struct_ref.db_name                    PDB 
_struct_ref.db_code                    442D 
_struct_ref.pdbx_db_accession          442D 
_struct_ref.pdbx_db_isoform            ? 
_struct_ref.pdbx_seq_one_letter_code   ? 
_struct_ref.pdbx_align_begin           ? 
# 
loop_
_struct_ref_seq.align_id 
_struct_ref_seq.ref_id 
_struct_ref_seq.pdbx_PDB_id_code 
_struct_ref_seq.pdbx_strand_id 
_struct_ref_seq.seq_align_beg 
_struct_ref_seq.pdbx_seq_align_beg_ins_code 
_struct_ref_seq.seq_align_end 
_struct_ref_seq.pdbx_seq_align_end_ins_code 
_struct_ref_seq.pdbx_db_accession 
_struct_ref_seq.db_align_beg 
_struct_ref_seq.pdbx_db_align_beg_ins_code 
_struct_ref_seq.db_align_end 
_struct_ref_seq.pdbx_db_align_end_ins_code 
_struct_ref_seq.pdbx_auth_seq_align_beg 
_struct_ref_seq.pdbx_auth_seq_align_end 
1 1 442D A 1 ? 12 ? 442D 1  ? 12 ? 1  12 
2 1 442D B 1 ? 12 ? 442D 13 ? 24 ? 13 24 
# 
_pdbx_struct_assembly.id                   1 
_pdbx_struct_assembly.details              author_defined_assembly 
_pdbx_struct_assembly.method_details       ? 
_pdbx_struct_assembly.oligomeric_details   dimeric 
_pdbx_struct_assembly.oligomeric_count     2 
# 
_pdbx_struct_assembly_gen.assembly_id       1 
_pdbx_struct_assembly_gen.oper_expression   1 
_pdbx_struct_assembly_gen.asym_id_list      A,B,C,D,E,F,G 
# 
_pdbx_struct_oper_list.id                   1 
_pdbx_struct_oper_list.type                 'identity operation' 
_pdbx_struct_oper_list.name                 1_555 
_pdbx_struct_oper_list.symmetry_operation   x,y,z 
_pdbx_struct_oper_list.matrix[1][1]         1.0000000000 
_pdbx_struct_oper_list.matrix[1][2]         0.0000000000 
_pdbx_struct_oper_list.matrix[1][3]         0.0000000000 
_pdbx_struct_oper_list.vector[1]            0.0000000000 
_pdbx_struct_oper_list.matrix[2][1]         0.0000000000 
_pdbx_struct_oper_list.matrix[2][2]         1.0000000000 
_pdbx_struct_oper_list.matrix[2][3]         0.0000000000 
_pdbx_struct_oper_list.vector[2]            0.0000000000 
_pdbx_struct_oper_list.matrix[3][1]         0.0000000000 
_pdbx_struct_oper_list.matrix[3][2]         0.0000000000 
_pdbx_struct_oper_list.matrix[3][3]         1.0000000000 
_pdbx_struct_oper_list.vector[3]            0.0000000000 
# 
_struct_biol.id                    1 
_struct_biol.pdbx_parent_biol_id   ? 
_struct_biol.details               ? 
# 
loop_
_struct_conn.id 
_struct_conn.conn_type_id 
_struct_conn.pdbx_leaving_atom_flag 
_struct_conn.pdbx_PDB_id 
_struct_conn.ptnr1_label_asym_id 
_struct_conn.ptnr1_label_comp_id 
_struct_conn.ptnr1_label_seq_id 
_struct_conn.ptnr1_label_atom_id 
_struct_conn.pdbx_ptnr1_label_alt_id 
_struct_conn.pdbx_ptnr1_PDB_ins_code 
_struct_conn.pdbx_ptnr1_standard_comp_id 
_struct_conn.ptnr1_symmetry 
_struct_conn.ptnr2_label_asym_id 
_struct_conn.ptnr2_label_comp_id 
_struct_conn.ptnr2_label_seq_id 
_struct_conn.ptnr2_label_atom_id 
_struct_conn.pdbx_ptnr2_label_alt_id 
_struct_conn.pdbx_ptnr2_PDB_ins_code 
_struct_conn.ptnr1_auth_asym_id 
_struct_conn.ptnr1_auth_comp_id 
_struct_conn.ptnr1_auth_seq_id 
_struct_conn.ptnr2_auth_asym_id 
_struct_conn.ptnr2_auth_comp_id 
_struct_conn.ptnr2_auth_seq_id 
_struct_conn.ptnr2_symmetry 
_struct_conn.pdbx_ptnr3_label_atom_id 
_struct_conn.pdbx_ptnr3_label_seq_id 
_struct_conn.pdbx_ptnr3_label_comp_id 
_struct_conn.pdbx_ptnr3_label_asym_id 
_struct_conn.pdbx_ptnr3_label_alt_id 
_struct_conn.pdbx_ptnr3_PDB_ins_code 
_struct_conn.details 
_struct_conn.pdbx_dist_value 
_struct_conn.pdbx_value_order 
_struct_conn.pdbx_role 
metalc1  metalc ? ? A DG 10 OP2 ? ? ? 1_555 E MG  .  MG  ? ? A DG 10 A MG  27 1_555 ? ? ? ? ? ? ?            2.150 ? ? 
metalc2  metalc ? ? A DG 12 OP1 ? ? ? 1_555 D MG  .  MG  ? ? A DG 12 A MG  26 1_555 ? ? ? ? ? ? ?            2.078 ? ? 
metalc3  metalc ? ? D MG .  MG  ? ? ? 1_555 F HOH .  O   ? ? A MG 26 A HOH 72 1_555 ? ? ? ? ? ? ?            2.155 ? ? 
metalc4  metalc ? ? D MG .  MG  ? ? ? 1_555 F HOH .  O   ? ? A MG 26 A HOH 73 1_555 ? ? ? ? ? ? ?            2.055 ? ? 
metalc5  metalc ? ? D MG .  MG  ? ? ? 1_555 F HOH .  O   ? ? A MG 26 A HOH 74 1_555 ? ? ? ? ? ? ?            2.107 ? ? 
metalc6  metalc ? ? D MG .  MG  ? ? ? 1_555 F HOH .  O   ? ? A MG 26 A HOH 75 1_555 ? ? ? ? ? ? ?            2.132 ? ? 
metalc7  metalc ? ? D MG .  MG  ? ? ? 1_555 B DT  8  OP1 ? ? A MG 26 B DT  20 4_456 ? ? ? ? ? ? ?            2.060 ? ? 
metalc8  metalc ? ? E MG .  MG  ? ? ? 1_555 F HOH .  O   ? ? A MG 27 A HOH 76 1_555 ? ? ? ? ? ? ?            1.733 ? ? 
metalc9  metalc ? ? E MG .  MG  ? ? ? 1_555 F HOH .  O   ? ? A MG 27 A HOH 77 1_555 ? ? ? ? ? ? ?            2.166 ? ? 
metalc10 metalc ? ? E MG .  MG  ? ? ? 1_555 F HOH .  O   ? ? A MG 27 A HOH 78 1_555 ? ? ? ? ? ? ?            2.339 ? ? 
metalc11 metalc ? ? E MG .  MG  ? ? ? 1_555 B DT  7  OP1 ? ? A MG 27 B DT  19 4_556 ? ? ? ? ? ? ?            2.057 ? ? 
metalc12 metalc ? ? E MG .  MG  ? ? ? 1_555 B DC  11 OP1 ? ? A MG 27 B DC  23 2_655 ? ? ? ? ? ? ?            2.338 ? ? 
hydrog1  hydrog ? ? A DC 1  N3  ? ? ? 1_555 B DG  12 N1  ? ? A DC 1  B DG  24 1_555 ? ? ? ? ? ? WATSON-CRICK ?     ? ? 
hydrog2  hydrog ? ? A DC 1  N4  ? ? ? 1_555 B DG  12 O6  ? ? A DC 1  B DG  24 1_555 ? ? ? ? ? ? WATSON-CRICK ?     ? ? 
hydrog3  hydrog ? ? A DC 1  O2  ? ? ? 1_555 B DG  12 N2  ? ? A DC 1  B DG  24 1_555 ? ? ? ? ? ? WATSON-CRICK ?     ? ? 
hydrog4  hydrog ? ? A DG 2  N1  ? ? ? 1_555 B DC  11 N3  ? ? A DG 2  B DC  23 1_555 ? ? ? ? ? ? WATSON-CRICK ?     ? ? 
hydrog5  hydrog ? ? A DG 2  N2  ? ? ? 1_555 B DC  11 O2  ? ? A DG 2  B DC  23 1_555 ? ? ? ? ? ? WATSON-CRICK ?     ? ? 
hydrog6  hydrog ? ? A DG 2  O6  ? ? ? 1_555 B DC  11 N4  ? ? A DG 2  B DC  23 1_555 ? ? ? ? ? ? WATSON-CRICK ?     ? ? 
hydrog7  hydrog ? ? A DC 3  N3  ? ? ? 1_555 B DG  10 N1  ? ? A DC 3  B DG  22 1_555 ? ? ? ? ? ? WATSON-CRICK ?     ? ? 
hydrog8  hydrog ? ? A DC 3  N4  ? ? ? 1_555 B DG  10 O6  ? ? A DC 3  B DG  22 1_555 ? ? ? ? ? ? WATSON-CRICK ?     ? ? 
hydrog9  hydrog ? ? A DC 3  O2  ? ? ? 1_555 B DG  10 N2  ? ? A DC 3  B DG  22 1_555 ? ? ? ? ? ? WATSON-CRICK ?     ? ? 
hydrog10 hydrog ? ? A DG 4  N1  ? ? ? 1_555 B DC  9  N3  ? ? A DG 4  B DC  21 1_555 ? ? ? ? ? ? WATSON-CRICK ?     ? ? 
hydrog11 hydrog ? ? A DG 4  N2  ? ? ? 1_555 B DC  9  O2  ? ? A DG 4  B DC  21 1_555 ? ? ? ? ? ? WATSON-CRICK ?     ? ? 
hydrog12 hydrog ? ? A DG 4  O6  ? ? ? 1_555 B DC  9  N4  ? ? A DG 4  B DC  21 1_555 ? ? ? ? ? ? WATSON-CRICK ?     ? ? 
hydrog13 hydrog ? ? A DA 5  N1  ? ? ? 1_555 B DT  8  N3  ? ? A DA 5  B DT  20 1_555 ? ? ? ? ? ? WATSON-CRICK ?     ? ? 
hydrog14 hydrog ? ? A DA 5  N6  ? ? ? 1_555 B DT  8  O4  ? ? A DA 5  B DT  20 1_555 ? ? ? ? ? ? WATSON-CRICK ?     ? ? 
hydrog15 hydrog ? ? A DA 6  N1  ? ? ? 1_555 B DT  7  N3  ? ? A DA 6  B DT  19 1_555 ? ? ? ? ? ? WATSON-CRICK ?     ? ? 
hydrog16 hydrog ? ? A DA 6  N6  ? ? ? 1_555 B DT  7  O4  ? ? A DA 6  B DT  19 1_555 ? ? ? ? ? ? WATSON-CRICK ?     ? ? 
hydrog17 hydrog ? ? A DT 7  N3  ? ? ? 1_555 B DA  6  N1  ? ? A DT 7  B DA  18 1_555 ? ? ? ? ? ? WATSON-CRICK ?     ? ? 
hydrog18 hydrog ? ? A DT 7  O4  ? ? ? 1_555 B DA  6  N6  ? ? A DT 7  B DA  18 1_555 ? ? ? ? ? ? WATSON-CRICK ?     ? ? 
hydrog19 hydrog ? ? A DT 8  N3  ? ? ? 1_555 B DA  5  N1  ? ? A DT 8  B DA  17 1_555 ? ? ? ? ? ? WATSON-CRICK ?     ? ? 
hydrog20 hydrog ? ? A DT 8  O4  ? ? ? 1_555 B DA  5  N6  ? ? A DT 8  B DA  17 1_555 ? ? ? ? ? ? WATSON-CRICK ?     ? ? 
hydrog21 hydrog ? ? A DC 9  N3  ? ? ? 1_555 B DG  4  N1  ? ? A DC 9  B DG  16 1_555 ? ? ? ? ? ? WATSON-CRICK ?     ? ? 
hydrog22 hydrog ? ? A DC 9  N4  ? ? ? 1_555 B DG  4  O6  ? ? A DC 9  B DG  16 1_555 ? ? ? ? ? ? WATSON-CRICK ?     ? ? 
hydrog23 hydrog ? ? A DC 9  O2  ? ? ? 1_555 B DG  4  N2  ? ? A DC 9  B DG  16 1_555 ? ? ? ? ? ? WATSON-CRICK ?     ? ? 
hydrog24 hydrog ? ? A DG 10 N1  ? ? ? 1_555 B DC  3  N3  ? ? A DG 10 B DC  15 1_555 ? ? ? ? ? ? WATSON-CRICK ?     ? ? 
hydrog25 hydrog ? ? A DG 10 N2  ? ? ? 1_555 B DC  3  O2  ? ? A DG 10 B DC  15 1_555 ? ? ? ? ? ? WATSON-CRICK ?     ? ? 
hydrog26 hydrog ? ? A DG 10 O6  ? ? ? 1_555 B DC  3  N4  ? ? A DG 10 B DC  15 1_555 ? ? ? ? ? ? WATSON-CRICK ?     ? ? 
hydrog27 hydrog ? ? A DC 11 N3  ? ? ? 1_555 B DG  2  N1  ? ? A DC 11 B DG  14 1_555 ? ? ? ? ? ? WATSON-CRICK ?     ? ? 
hydrog28 hydrog ? ? A DC 11 N4  ? ? ? 1_555 B DG  2  O6  ? ? A DC 11 B DG  14 1_555 ? ? ? ? ? ? WATSON-CRICK ?     ? ? 
hydrog29 hydrog ? ? A DC 11 O2  ? ? ? 1_555 B DG  2  N2  ? ? A DC 11 B DG  14 1_555 ? ? ? ? ? ? WATSON-CRICK ?     ? ? 
hydrog30 hydrog ? ? A DG 12 N1  ? ? ? 1_555 B DC  1  N3  ? ? A DG 12 B DC  13 1_555 ? ? ? ? ? ? WATSON-CRICK ?     ? ? 
hydrog31 hydrog ? ? A DG 12 N2  ? ? ? 1_555 B DC  1  O2  ? ? A DG 12 B DC  13 1_555 ? ? ? ? ? ? WATSON-CRICK ?     ? ? 
hydrog32 hydrog ? ? A DG 12 O6  ? ? ? 1_555 B DC  1  N4  ? ? A DG 12 B DC  13 1_555 ? ? ? ? ? ? WATSON-CRICK ?     ? ? 
# 
loop_
_struct_conn_type.id 
_struct_conn_type.criteria 
_struct_conn_type.reference 
metalc ? ? 
hydrog ? ? 
# 
loop_
_pdbx_struct_conn_angle.id 
_pdbx_struct_conn_angle.ptnr1_label_atom_id 
_pdbx_struct_conn_angle.ptnr1_label_alt_id 
_pdbx_struct_conn_angle.ptnr1_label_asym_id 
_pdbx_struct_conn_angle.ptnr1_label_comp_id 
_pdbx_struct_conn_angle.ptnr1_label_seq_id 
_pdbx_struct_conn_angle.ptnr1_auth_atom_id 
_pdbx_struct_conn_angle.ptnr1_auth_asym_id 
_pdbx_struct_conn_angle.ptnr1_auth_comp_id 
_pdbx_struct_conn_angle.ptnr1_auth_seq_id 
_pdbx_struct_conn_angle.ptnr1_PDB_ins_code 
_pdbx_struct_conn_angle.ptnr1_symmetry 
_pdbx_struct_conn_angle.ptnr2_label_atom_id 
_pdbx_struct_conn_angle.ptnr2_label_alt_id 
_pdbx_struct_conn_angle.ptnr2_label_asym_id 
_pdbx_struct_conn_angle.ptnr2_label_comp_id 
_pdbx_struct_conn_angle.ptnr2_label_seq_id 
_pdbx_struct_conn_angle.ptnr2_auth_atom_id 
_pdbx_struct_conn_angle.ptnr2_auth_asym_id 
_pdbx_struct_conn_angle.ptnr2_auth_comp_id 
_pdbx_struct_conn_angle.ptnr2_auth_seq_id 
_pdbx_struct_conn_angle.ptnr2_PDB_ins_code 
_pdbx_struct_conn_angle.ptnr2_symmetry 
_pdbx_struct_conn_angle.ptnr3_label_atom_id 
_pdbx_struct_conn_angle.ptnr3_label_alt_id 
_pdbx_struct_conn_angle.ptnr3_label_asym_id 
_pdbx_struct_conn_angle.ptnr3_label_comp_id 
_pdbx_struct_conn_angle.ptnr3_label_seq_id 
_pdbx_struct_conn_angle.ptnr3_auth_atom_id 
_pdbx_struct_conn_angle.ptnr3_auth_asym_id 
_pdbx_struct_conn_angle.ptnr3_auth_comp_id 
_pdbx_struct_conn_angle.ptnr3_auth_seq_id 
_pdbx_struct_conn_angle.ptnr3_PDB_ins_code 
_pdbx_struct_conn_angle.ptnr3_symmetry 
_pdbx_struct_conn_angle.value 
_pdbx_struct_conn_angle.value_esd 
1  OP2 ? A DG  10 ? A DG  10 ? 1_555 MG ? E MG . ? A MG 27 ? 1_555 O   ? F HOH .  ? A HOH 76 ? 1_555 163.4 ? 
2  OP2 ? A DG  10 ? A DG  10 ? 1_555 MG ? E MG . ? A MG 27 ? 1_555 O   ? F HOH .  ? A HOH 77 ? 1_555 87.6  ? 
3  O   ? F HOH .  ? A HOH 76 ? 1_555 MG ? E MG . ? A MG 27 ? 1_555 O   ? F HOH .  ? A HOH 77 ? 1_555 85.2  ? 
4  OP2 ? A DG  10 ? A DG  10 ? 1_555 MG ? E MG . ? A MG 27 ? 1_555 O   ? F HOH .  ? A HOH 78 ? 1_555 82.3  ? 
5  O   ? F HOH .  ? A HOH 76 ? 1_555 MG ? E MG . ? A MG 27 ? 1_555 O   ? F HOH .  ? A HOH 78 ? 1_555 82.6  ? 
6  O   ? F HOH .  ? A HOH 77 ? 1_555 MG ? E MG . ? A MG 27 ? 1_555 O   ? F HOH .  ? A HOH 78 ? 1_555 88.4  ? 
7  OP2 ? A DG  10 ? A DG  10 ? 1_555 MG ? E MG . ? A MG 27 ? 1_555 OP1 ? B DT  7  ? B DT  19 ? 4_556 94.5  ? 
8  O   ? F HOH .  ? A HOH 76 ? 1_555 MG ? E MG . ? A MG 27 ? 1_555 OP1 ? B DT  7  ? B DT  19 ? 4_556 91.0  ? 
9  O   ? F HOH .  ? A HOH 77 ? 1_555 MG ? E MG . ? A MG 27 ? 1_555 OP1 ? B DT  7  ? B DT  19 ? 4_556 173.2 ? 
10 O   ? F HOH .  ? A HOH 78 ? 1_555 MG ? E MG . ? A MG 27 ? 1_555 OP1 ? B DT  7  ? B DT  19 ? 4_556 85.5  ? 
11 OP2 ? A DG  10 ? A DG  10 ? 1_555 MG ? E MG . ? A MG 27 ? 1_555 OP1 ? B DC  11 ? B DC  23 ? 2_655 101.4 ? 
12 O   ? F HOH .  ? A HOH 76 ? 1_555 MG ? E MG . ? A MG 27 ? 1_555 OP1 ? B DC  11 ? B DC  23 ? 2_655 94.6  ? 
13 O   ? F HOH .  ? A HOH 77 ? 1_555 MG ? E MG . ? A MG 27 ? 1_555 OP1 ? B DC  11 ? B DC  23 ? 2_655 99.9  ? 
14 O   ? F HOH .  ? A HOH 78 ? 1_555 MG ? E MG . ? A MG 27 ? 1_555 OP1 ? B DC  11 ? B DC  23 ? 2_655 171.0 ? 
15 OP1 ? B DT  7  ? B DT  19 ? 4_556 MG ? E MG . ? A MG 27 ? 1_555 OP1 ? B DC  11 ? B DC  23 ? 2_655 86.1  ? 
16 OP1 ? A DG  12 ? A DG  12 ? 1_555 MG ? D MG . ? A MG 26 ? 1_555 O   ? F HOH .  ? A HOH 72 ? 1_555 90.4  ? 
17 OP1 ? A DG  12 ? A DG  12 ? 1_555 MG ? D MG . ? A MG 26 ? 1_555 O   ? F HOH .  ? A HOH 73 ? 1_555 90.8  ? 
18 O   ? F HOH .  ? A HOH 72 ? 1_555 MG ? D MG . ? A MG 26 ? 1_555 O   ? F HOH .  ? A HOH 73 ? 1_555 175.7 ? 
19 OP1 ? A DG  12 ? A DG  12 ? 1_555 MG ? D MG . ? A MG 26 ? 1_555 O   ? F HOH .  ? A HOH 74 ? 1_555 94.5  ? 
20 O   ? F HOH .  ? A HOH 72 ? 1_555 MG ? D MG . ? A MG 26 ? 1_555 O   ? F HOH .  ? A HOH 74 ? 1_555 86.7  ? 
21 O   ? F HOH .  ? A HOH 73 ? 1_555 MG ? D MG . ? A MG 26 ? 1_555 O   ? F HOH .  ? A HOH 74 ? 1_555 89.1  ? 
22 OP1 ? A DG  12 ? A DG  12 ? 1_555 MG ? D MG . ? A MG 26 ? 1_555 O   ? F HOH .  ? A HOH 75 ? 1_555 85.4  ? 
23 O   ? F HOH .  ? A HOH 72 ? 1_555 MG ? D MG . ? A MG 26 ? 1_555 O   ? F HOH .  ? A HOH 75 ? 1_555 97.2  ? 
24 O   ? F HOH .  ? A HOH 73 ? 1_555 MG ? D MG . ? A MG 26 ? 1_555 O   ? F HOH .  ? A HOH 75 ? 1_555 87.0  ? 
25 O   ? F HOH .  ? A HOH 74 ? 1_555 MG ? D MG . ? A MG 26 ? 1_555 O   ? F HOH .  ? A HOH 75 ? 1_555 176.1 ? 
26 OP1 ? A DG  12 ? A DG  12 ? 1_555 MG ? D MG . ? A MG 26 ? 1_555 OP1 ? B DT  8  ? B DT  20 ? 4_456 171.0 ? 
27 O   ? F HOH .  ? A HOH 72 ? 1_555 MG ? D MG . ? A MG 26 ? 1_555 OP1 ? B DT  8  ? B DT  20 ? 4_456 94.6  ? 
28 O   ? F HOH .  ? A HOH 73 ? 1_555 MG ? D MG . ? A MG 26 ? 1_555 OP1 ? B DT  8  ? B DT  20 ? 4_456 84.7  ? 
29 O   ? F HOH .  ? A HOH 74 ? 1_555 MG ? D MG . ? A MG 26 ? 1_555 OP1 ? B DT  8  ? B DT  20 ? 4_456 93.2  ? 
30 O   ? F HOH .  ? A HOH 75 ? 1_555 MG ? D MG . ? A MG 26 ? 1_555 OP1 ? B DT  8  ? B DT  20 ? 4_456 86.6  ? 
# 
loop_
_struct_site.id 
_struct_site.pdbx_evidence_code 
_struct_site.pdbx_auth_asym_id 
_struct_site.pdbx_auth_comp_id 
_struct_site.pdbx_auth_seq_id 
_struct_site.pdbx_auth_ins_code 
_struct_site.pdbx_num_residues 
_struct_site.details 
AC1 Software A IB 25 ? 11 'BINDING SITE FOR RESIDUE IB A 25' 
AC2 Software A MG 26 ? 6  'BINDING SITE FOR RESIDUE MG A 26' 
AC3 Software A MG 27 ? 6  'BINDING SITE FOR RESIDUE MG A 27' 
1   ?        ? ?  ?  ? ?  ?                                  
# 
loop_
_struct_site_gen.id 
_struct_site_gen.site_id 
_struct_site_gen.pdbx_num_res 
_struct_site_gen.label_comp_id 
_struct_site_gen.label_asym_id 
_struct_site_gen.label_seq_id 
_struct_site_gen.pdbx_auth_ins_code 
_struct_site_gen.auth_comp_id 
_struct_site_gen.auth_asym_id 
_struct_site_gen.auth_seq_id 
_struct_site_gen.label_atom_id 
_struct_site_gen.label_alt_id 
_struct_site_gen.symmetry 
_struct_site_gen.details 
1  AC1 11 DG  A 4  ? DG  A 4  . ? 1_555 ? 
2  AC1 11 DA  A 6  ? DA  A 6  . ? 1_555 ? 
3  AC1 11 DT  A 7  ? DT  A 7  . ? 1_555 ? 
4  AC1 11 DT  A 8  ? DT  A 8  . ? 1_555 ? 
5  AC1 11 HOH F .  ? HOH A 46 . ? 1_555 ? 
6  AC1 11 HOH F .  ? HOH A 71 . ? 1_555 ? 
7  AC1 11 DA  B 6  ? DA  B 18 . ? 1_555 ? 
8  AC1 11 DT  B 7  ? DT  B 19 . ? 1_555 ? 
9  AC1 11 DT  B 8  ? DT  B 20 . ? 1_555 ? 
10 AC1 11 DC  B 9  ? DC  B 21 . ? 1_555 ? 
11 AC1 11 DG  B 10 ? DG  B 22 . ? 1_555 ? 
12 AC2 6  DG  A 12 ? DG  A 12 . ? 1_555 ? 
13 AC2 6  HOH F .  ? HOH A 72 . ? 1_555 ? 
14 AC2 6  HOH F .  ? HOH A 73 . ? 1_555 ? 
15 AC2 6  HOH F .  ? HOH A 74 . ? 1_555 ? 
16 AC2 6  HOH F .  ? HOH A 75 . ? 1_555 ? 
17 AC2 6  DT  B 8  ? DT  B 20 . ? 4_456 ? 
18 AC3 6  DG  A 10 ? DG  A 10 . ? 1_555 ? 
19 AC3 6  HOH F .  ? HOH A 76 . ? 1_555 ? 
20 AC3 6  HOH F .  ? HOH A 77 . ? 1_555 ? 
21 AC3 6  HOH F .  ? HOH A 78 . ? 1_555 ? 
22 AC3 6  DT  B 7  ? DT  B 19 . ? 4_556 ? 
23 AC3 6  DC  B 11 ? DC  B 23 . ? 2_655 ? 
# 
loop_
_pdbx_validate_rmsd_bond.id 
_pdbx_validate_rmsd_bond.PDB_model_num 
_pdbx_validate_rmsd_bond.auth_atom_id_1 
_pdbx_validate_rmsd_bond.auth_asym_id_1 
_pdbx_validate_rmsd_bond.auth_comp_id_1 
_pdbx_validate_rmsd_bond.auth_seq_id_1 
_pdbx_validate_rmsd_bond.PDB_ins_code_1 
_pdbx_validate_rmsd_bond.label_alt_id_1 
_pdbx_validate_rmsd_bond.auth_atom_id_2 
_pdbx_validate_rmsd_bond.auth_asym_id_2 
_pdbx_validate_rmsd_bond.auth_comp_id_2 
_pdbx_validate_rmsd_bond.auth_seq_id_2 
_pdbx_validate_rmsd_bond.PDB_ins_code_2 
_pdbx_validate_rmsd_bond.label_alt_id_2 
_pdbx_validate_rmsd_bond.bond_value 
_pdbx_validate_rmsd_bond.bond_target_value 
_pdbx_validate_rmsd_bond.bond_deviation 
_pdbx_validate_rmsd_bond.bond_standard_deviation 
_pdbx_validate_rmsd_bond.linker_flag 
1  1 "C5'" A DC 1  ? ? "C4'" A DC 1  ? ? 1.570 1.512 0.058  0.007 N 
2  1 P     A DG 2  ? ? "O5'" A DG 2  ? ? 1.671 1.593 0.078  0.010 N 
3  1 "C5'" A DG 2  ? ? "C4'" A DG 2  ? ? 1.567 1.512 0.055  0.007 N 
4  1 "C5'" A DC 3  ? ? "C4'" A DC 3  ? ? 1.572 1.512 0.060  0.007 N 
5  1 P     A DG 4  ? ? "O5'" A DG 4  ? ? 1.696 1.593 0.103  0.010 N 
6  1 "C5'" A DG 4  ? ? "C4'" A DG 4  ? ? 1.562 1.512 0.050  0.007 N 
7  1 P     A DA 5  ? ? "O5'" A DA 5  ? ? 1.679 1.593 0.086  0.010 N 
8  1 "C5'" A DA 5  ? ? "C4'" A DA 5  ? ? 1.560 1.512 0.048  0.007 N 
9  1 P     A DA 6  ? ? "O5'" A DA 6  ? ? 1.672 1.593 0.079  0.010 N 
10 1 "C5'" A DA 6  ? ? "C4'" A DA 6  ? ? 1.567 1.512 0.055  0.007 N 
11 1 P     A DT 7  ? ? "O5'" A DT 7  ? ? 1.661 1.593 0.068  0.010 N 
12 1 "C5'" A DT 7  ? ? "C4'" A DT 7  ? ? 1.567 1.512 0.055  0.007 N 
13 1 "C5'" A DT 8  ? ? "C4'" A DT 8  ? ? 1.563 1.512 0.051  0.007 N 
14 1 P     A DC 9  ? ? "O5'" A DC 9  ? ? 1.686 1.593 0.093  0.010 N 
15 1 "C5'" A DC 9  ? ? "C4'" A DC 9  ? ? 1.569 1.512 0.057  0.007 N 
16 1 "C5'" A DG 10 ? ? "C4'" A DG 10 ? ? 1.564 1.512 0.052  0.007 N 
17 1 P     A DC 11 ? ? "O5'" A DC 11 ? ? 1.666 1.593 0.073  0.010 N 
18 1 "C5'" A DC 11 ? ? "C4'" A DC 11 ? ? 1.565 1.512 0.053  0.007 N 
19 1 P     A DG 12 ? ? "O5'" A DG 12 ? ? 1.660 1.593 0.067  0.010 N 
20 1 "C5'" A DG 12 ? ? "C4'" A DG 12 ? ? 1.561 1.512 0.049  0.007 N 
21 1 "C4'" B DC 13 ? ? "C3'" B DC 13 ? ? 1.450 1.521 -0.071 0.010 N 
22 1 "O4'" B DC 13 ? ? "C1'" B DC 13 ? ? 1.498 1.420 0.078  0.011 N 
23 1 P     B DG 14 ? ? "O5'" B DG 14 ? ? 1.662 1.593 0.069  0.010 N 
24 1 "C5'" B DG 14 ? ? "C4'" B DG 14 ? ? 1.572 1.512 0.060  0.007 N 
25 1 P     B DC 15 ? ? "O5'" B DC 15 ? ? 1.667 1.593 0.074  0.010 N 
26 1 "C5'" B DC 15 ? ? "C4'" B DC 15 ? ? 1.555 1.512 0.043  0.007 N 
27 1 P     B DG 16 ? ? "O5'" B DG 16 ? ? 1.656 1.593 0.063  0.010 N 
28 1 "C5'" B DG 16 ? ? "C4'" B DG 16 ? ? 1.569 1.512 0.057  0.007 N 
29 1 P     B DA 17 ? ? "O5'" B DA 17 ? ? 1.654 1.593 0.061  0.010 N 
30 1 "C5'" B DA 17 ? ? "C4'" B DA 17 ? ? 1.570 1.512 0.058  0.007 N 
31 1 P     B DA 18 ? ? "O5'" B DA 18 ? ? 1.654 1.593 0.061  0.010 N 
32 1 "C5'" B DA 18 ? ? "C4'" B DA 18 ? ? 1.570 1.512 0.058  0.007 N 
33 1 P     B DT 19 ? ? "O5'" B DT 19 ? ? 1.692 1.593 0.099  0.010 N 
34 1 "C5'" B DT 19 ? ? "C4'" B DT 19 ? ? 1.565 1.512 0.053  0.007 N 
35 1 P     B DT 20 ? ? "O5'" B DT 20 ? ? 1.660 1.593 0.067  0.010 N 
36 1 "C5'" B DT 20 ? ? "C4'" B DT 20 ? ? 1.575 1.512 0.063  0.007 N 
37 1 "C5'" B DC 21 ? ? "C4'" B DC 21 ? ? 1.581 1.512 0.069  0.007 N 
38 1 P     B DG 22 ? ? "O5'" B DG 22 ? ? 1.662 1.593 0.069  0.010 N 
39 1 "C5'" B DG 22 ? ? "C4'" B DG 22 ? ? 1.566 1.512 0.054  0.007 N 
40 1 P     B DC 23 ? ? "O5'" B DC 23 ? ? 1.670 1.593 0.077  0.010 N 
41 1 "C5'" B DC 23 ? ? "C4'" B DC 23 ? ? 1.567 1.512 0.055  0.007 N 
42 1 "C5'" B DG 24 ? ? "C4'" B DG 24 ? ? 1.565 1.512 0.053  0.007 N 
# 
loop_
_pdbx_validate_rmsd_angle.id 
_pdbx_validate_rmsd_angle.PDB_model_num 
_pdbx_validate_rmsd_angle.auth_atom_id_1 
_pdbx_validate_rmsd_angle.auth_asym_id_1 
_pdbx_validate_rmsd_angle.auth_comp_id_1 
_pdbx_validate_rmsd_angle.auth_seq_id_1 
_pdbx_validate_rmsd_angle.PDB_ins_code_1 
_pdbx_validate_rmsd_angle.label_alt_id_1 
_pdbx_validate_rmsd_angle.auth_atom_id_2 
_pdbx_validate_rmsd_angle.auth_asym_id_2 
_pdbx_validate_rmsd_angle.auth_comp_id_2 
_pdbx_validate_rmsd_angle.auth_seq_id_2 
_pdbx_validate_rmsd_angle.PDB_ins_code_2 
_pdbx_validate_rmsd_angle.label_alt_id_2 
_pdbx_validate_rmsd_angle.auth_atom_id_3 
_pdbx_validate_rmsd_angle.auth_asym_id_3 
_pdbx_validate_rmsd_angle.auth_comp_id_3 
_pdbx_validate_rmsd_angle.auth_seq_id_3 
_pdbx_validate_rmsd_angle.PDB_ins_code_3 
_pdbx_validate_rmsd_angle.label_alt_id_3 
_pdbx_validate_rmsd_angle.angle_value 
_pdbx_validate_rmsd_angle.angle_target_value 
_pdbx_validate_rmsd_angle.angle_deviation 
_pdbx_validate_rmsd_angle.angle_standard_deviation 
_pdbx_validate_rmsd_angle.linker_flag 
1  1 "O5'" A DC 1  ? ? "C5'" A DC 1  ? ? "C4'" A DC 1  ? ? 102.37 109.40 -7.03  0.80 N 
2  1 "O4'" A DC 1  ? ? "C1'" A DC 1  ? ? N1    A DC 1  ? ? 101.37 108.00 -6.63  0.70 N 
3  1 "O5'" A DG 2  ? ? "C5'" A DG 2  ? ? "C4'" A DG 2  ? ? 100.84 109.40 -8.56  0.80 N 
4  1 "O3'" A DG 2  ? ? P     A DC 3  ? ? "O5'" A DC 3  ? ? 89.06  104.00 -14.94 1.90 Y 
5  1 "O5'" A DC 3  ? ? "C5'" A DC 3  ? ? "C4'" A DC 3  ? ? 100.95 109.40 -8.45  0.80 N 
6  1 "O4'" A DC 3  ? ? "C1'" A DC 3  ? ? N1    A DC 3  ? ? 102.18 108.00 -5.82  0.70 N 
7  1 N1    A DC 3  ? ? C2    A DC 3  ? ? O2    A DC 3  ? ? 113.44 118.90 -5.46  0.60 N 
8  1 OP1   A DG 4  ? ? P     A DG 4  ? ? OP2   A DG 4  ? ? 130.98 119.60 11.38  1.50 N 
9  1 "O4'" A DG 4  ? ? "C1'" A DG 4  ? ? N9    A DG 4  ? ? 103.38 108.00 -4.62  0.70 N 
10 1 "C3'" A DA 5  ? ? "O3'" A DA 5  ? ? P     A DA 6  ? ? 133.88 119.70 14.18  1.20 Y 
11 1 "O5'" A DA 6  ? ? "C5'" A DA 6  ? ? "C4'" A DA 6  ? ? 103.69 109.40 -5.71  0.80 N 
12 1 "O4'" A DA 6  ? ? "C1'" A DA 6  ? ? N9    A DA 6  ? ? 103.77 108.00 -4.23  0.70 N 
13 1 N1    A DT 7  ? ? "C1'" A DT 7  ? ? "C2'" A DT 7  ? ? 123.55 114.30 9.25   1.40 N 
14 1 "O4'" A DT 7  ? ? "C1'" A DT 7  ? ? N1    A DT 7  ? ? 100.98 108.00 -7.02  0.70 N 
15 1 "C3'" A DT 7  ? ? "O3'" A DT 7  ? ? P     A DT 8  ? ? 127.49 119.70 7.79   1.20 Y 
16 1 "O5'" A DT 8  ? ? "C5'" A DT 8  ? ? "C4'" A DT 8  ? ? 99.42  109.40 -9.98  0.80 N 
17 1 "C1'" A DT 8  ? ? "O4'" A DT 8  ? ? "C4'" A DT 8  ? ? 103.78 110.10 -6.32  1.00 N 
18 1 "O4'" A DT 8  ? ? "C1'" A DT 8  ? ? N1    A DT 8  ? ? 102.13 108.00 -5.87  0.70 N 
19 1 C5    A DT 8  ? ? C6    A DT 8  ? ? N1    A DT 8  ? ? 119.80 123.70 -3.90  0.60 N 
20 1 "O5'" A DC 9  ? ? "C5'" A DC 9  ? ? "C4'" A DC 9  ? ? 103.04 109.40 -6.36  0.80 N 
21 1 "O4'" A DC 9  ? ? "C1'" A DC 9  ? ? N1    A DC 9  ? ? 110.28 108.30 1.98   0.30 N 
22 1 "C3'" A DG 10 ? ? "C2'" A DG 10 ? ? "C1'" A DG 10 ? ? 97.54  102.40 -4.86  0.80 N 
23 1 "O3'" A DG 10 ? ? P     A DC 11 ? ? "O5'" A DC 11 ? ? 88.47  104.00 -15.53 1.90 Y 
24 1 OP1   A DC 11 ? ? P     A DC 11 ? ? OP2   A DC 11 ? ? 131.34 119.60 11.74  1.50 N 
25 1 "O5'" A DC 11 ? ? "C5'" A DC 11 ? ? "C4'" A DC 11 ? ? 101.05 109.40 -8.35  0.80 N 
26 1 "O4'" A DC 11 ? ? "C1'" A DC 11 ? ? N1    A DC 11 ? ? 103.53 108.00 -4.47  0.70 N 
27 1 N1    A DC 11 ? ? C2    A DC 11 ? ? O2    A DC 11 ? ? 122.57 118.90 3.67   0.60 N 
28 1 "O5'" A DG 12 ? ? "C5'" A DG 12 ? ? "C4'" A DG 12 ? ? 103.79 109.40 -5.61  0.80 N 
29 1 "O4'" A DG 12 ? ? "C1'" A DG 12 ? ? N9    A DG 12 ? ? 101.59 108.00 -6.41  0.70 N 
30 1 "O4'" B DC 13 ? ? "C4'" B DC 13 ? ? "C3'" B DC 13 ? ? 113.25 106.00 7.25   0.60 N 
31 1 "C1'" B DC 13 ? ? "O4'" B DC 13 ? ? "C4'" B DC 13 ? ? 100.41 110.10 -9.69  1.00 N 
32 1 "O4'" B DC 13 ? ? "C1'" B DC 13 ? ? N1    B DC 13 ? ? 100.74 108.00 -7.26  0.70 N 
33 1 OP1   B DG 14 ? ? P     B DG 14 ? ? OP2   B DG 14 ? ? 128.76 119.60 9.16   1.50 N 
34 1 "O5'" B DG 14 ? ? "C5'" B DG 14 ? ? "C4'" B DG 14 ? ? 100.49 109.40 -8.91  0.80 N 
35 1 "O5'" B DC 15 ? ? "C5'" B DC 15 ? ? "C4'" B DC 15 ? ? 102.82 109.40 -6.58  0.80 N 
36 1 "C1'" B DC 15 ? ? "O4'" B DC 15 ? ? "C4'" B DC 15 ? ? 103.78 110.10 -6.32  1.00 N 
37 1 "O3'" B DC 15 ? ? P     B DG 16 ? ? "O5'" B DG 16 ? ? 91.46  104.00 -12.54 1.90 Y 
38 1 "O5'" B DG 16 ? ? "C5'" B DG 16 ? ? "C4'" B DG 16 ? ? 102.06 109.40 -7.34  0.80 N 
39 1 "O5'" B DA 17 ? ? "C5'" B DA 17 ? ? "C4'" B DA 17 ? ? 101.42 109.40 -7.98  0.80 N 
40 1 "O5'" B DA 18 ? ? "C5'" B DA 18 ? ? "C4'" B DA 18 ? ? 100.05 109.40 -9.35  0.80 N 
41 1 "O5'" B DT 20 ? ? "C5'" B DT 20 ? ? "C4'" B DT 20 ? ? 102.83 109.40 -6.57  0.80 N 
42 1 "O5'" B DC 21 ? ? "C5'" B DC 21 ? ? "C4'" B DC 21 ? ? 100.69 109.40 -8.71  0.80 N 
43 1 "O4'" B DC 21 ? ? "C1'" B DC 21 ? ? N1    B DC 21 ? ? 102.73 108.00 -5.27  0.70 N 
44 1 "C3'" B DC 21 ? ? "O3'" B DC 21 ? ? P     B DG 22 ? ? 130.49 119.70 10.79  1.20 Y 
45 1 "O5'" B DG 22 ? ? "C5'" B DG 22 ? ? "C4'" B DG 22 ? ? 102.83 109.40 -6.57  0.80 N 
46 1 "O4'" B DG 22 ? ? "C1'" B DG 22 ? ? N9    B DG 22 ? ? 101.46 108.00 -6.54  0.70 N 
47 1 "C3'" B DG 22 ? ? "O3'" B DG 22 ? ? P     B DC 23 ? ? 130.15 119.70 10.45  1.20 Y 
48 1 OP1   B DC 23 ? ? P     B DC 23 ? ? OP2   B DC 23 ? ? 129.01 119.60 9.41   1.50 N 
49 1 "O5'" B DC 23 ? ? "C5'" B DC 23 ? ? "C4'" B DC 23 ? ? 102.66 109.40 -6.74  0.80 N 
50 1 "O5'" B DG 24 ? ? "C5'" B DG 24 ? ? "C4'" B DG 24 ? ? 103.00 109.40 -6.40  0.80 N 
51 1 "O4'" B DG 24 ? ? "C1'" B DG 24 ? ? N9    B DG 24 ? ? 102.15 108.00 -5.85  0.70 N 
# 
_struct_site_keywords.site_id   1 
_struct_site_keywords.text      'MINOR GROOVE BINDER' 
# 
loop_
_chem_comp_atom.comp_id 
_chem_comp_atom.atom_id 
_chem_comp_atom.type_symbol 
_chem_comp_atom.pdbx_aromatic_flag 
_chem_comp_atom.pdbx_stereo_config 
_chem_comp_atom.pdbx_ordinal 
DA  OP3    O  N N 1   
DA  P      P  N N 2   
DA  OP1    O  N N 3   
DA  OP2    O  N N 4   
DA  "O5'"  O  N N 5   
DA  "C5'"  C  N N 6   
DA  "C4'"  C  N R 7   
DA  "O4'"  O  N N 8   
DA  "C3'"  C  N S 9   
DA  "O3'"  O  N N 10  
DA  "C2'"  C  N N 11  
DA  "C1'"  C  N R 12  
DA  N9     N  Y N 13  
DA  C8     C  Y N 14  
DA  N7     N  Y N 15  
DA  C5     C  Y N 16  
DA  C6     C  Y N 17  
DA  N6     N  N N 18  
DA  N1     N  Y N 19  
DA  C2     C  Y N 20  
DA  N3     N  Y N 21  
DA  C4     C  Y N 22  
DA  HOP3   H  N N 23  
DA  HOP2   H  N N 24  
DA  "H5'"  H  N N 25  
DA  "H5''" H  N N 26  
DA  "H4'"  H  N N 27  
DA  "H3'"  H  N N 28  
DA  "HO3'" H  N N 29  
DA  "H2'"  H  N N 30  
DA  "H2''" H  N N 31  
DA  "H1'"  H  N N 32  
DA  H8     H  N N 33  
DA  H61    H  N N 34  
DA  H62    H  N N 35  
DA  H2     H  N N 36  
DC  OP3    O  N N 37  
DC  P      P  N N 38  
DC  OP1    O  N N 39  
DC  OP2    O  N N 40  
DC  "O5'"  O  N N 41  
DC  "C5'"  C  N N 42  
DC  "C4'"  C  N R 43  
DC  "O4'"  O  N N 44  
DC  "C3'"  C  N S 45  
DC  "O3'"  O  N N 46  
DC  "C2'"  C  N N 47  
DC  "C1'"  C  N R 48  
DC  N1     N  N N 49  
DC  C2     C  N N 50  
DC  O2     O  N N 51  
DC  N3     N  N N 52  
DC  C4     C  N N 53  
DC  N4     N  N N 54  
DC  C5     C  N N 55  
DC  C6     C  N N 56  
DC  HOP3   H  N N 57  
DC  HOP2   H  N N 58  
DC  "H5'"  H  N N 59  
DC  "H5''" H  N N 60  
DC  "H4'"  H  N N 61  
DC  "H3'"  H  N N 62  
DC  "HO3'" H  N N 63  
DC  "H2'"  H  N N 64  
DC  "H2''" H  N N 65  
DC  "H1'"  H  N N 66  
DC  H41    H  N N 67  
DC  H42    H  N N 68  
DC  H5     H  N N 69  
DC  H6     H  N N 70  
DG  OP3    O  N N 71  
DG  P      P  N N 72  
DG  OP1    O  N N 73  
DG  OP2    O  N N 74  
DG  "O5'"  O  N N 75  
DG  "C5'"  C  N N 76  
DG  "C4'"  C  N R 77  
DG  "O4'"  O  N N 78  
DG  "C3'"  C  N S 79  
DG  "O3'"  O  N N 80  
DG  "C2'"  C  N N 81  
DG  "C1'"  C  N R 82  
DG  N9     N  Y N 83  
DG  C8     C  Y N 84  
DG  N7     N  Y N 85  
DG  C5     C  Y N 86  
DG  C6     C  N N 87  
DG  O6     O  N N 88  
DG  N1     N  N N 89  
DG  C2     C  N N 90  
DG  N2     N  N N 91  
DG  N3     N  N N 92  
DG  C4     C  Y N 93  
DG  HOP3   H  N N 94  
DG  HOP2   H  N N 95  
DG  "H5'"  H  N N 96  
DG  "H5''" H  N N 97  
DG  "H4'"  H  N N 98  
DG  "H3'"  H  N N 99  
DG  "HO3'" H  N N 100 
DG  "H2'"  H  N N 101 
DG  "H2''" H  N N 102 
DG  "H1'"  H  N N 103 
DG  H8     H  N N 104 
DG  H1     H  N N 105 
DG  H21    H  N N 106 
DG  H22    H  N N 107 
DT  OP3    O  N N 108 
DT  P      P  N N 109 
DT  OP1    O  N N 110 
DT  OP2    O  N N 111 
DT  "O5'"  O  N N 112 
DT  "C5'"  C  N N 113 
DT  "C4'"  C  N R 114 
DT  "O4'"  O  N N 115 
DT  "C3'"  C  N S 116 
DT  "O3'"  O  N N 117 
DT  "C2'"  C  N N 118 
DT  "C1'"  C  N R 119 
DT  N1     N  N N 120 
DT  C2     C  N N 121 
DT  O2     O  N N 122 
DT  N3     N  N N 123 
DT  C4     C  N N 124 
DT  O4     O  N N 125 
DT  C5     C  N N 126 
DT  C7     C  N N 127 
DT  C6     C  N N 128 
DT  HOP3   H  N N 129 
DT  HOP2   H  N N 130 
DT  "H5'"  H  N N 131 
DT  "H5''" H  N N 132 
DT  "H4'"  H  N N 133 
DT  "H3'"  H  N N 134 
DT  "HO3'" H  N N 135 
DT  "H2'"  H  N N 136 
DT  "H2''" H  N N 137 
DT  "H1'"  H  N N 138 
DT  H3     H  N N 139 
DT  H71    H  N N 140 
DT  H72    H  N N 141 
DT  H73    H  N N 142 
DT  H6     H  N N 143 
HOH O      O  N N 144 
HOH H1     H  N N 145 
HOH H2     H  N N 146 
IB  CYT    C  Y N 147 
IB  C1     C  Y N 148 
IB  C2     C  Y N 149 
IB  C3     C  Y N 150 
IB  C4     C  Y N 151 
IB  C5     C  Y N 152 
IB  O      O  N N 153 
IB  C6     C  Y N 154 
IB  C7     C  Y N 155 
IB  C8     C  Y N 156 
IB  C9     C  Y N 157 
IB  C10    C  Y N 158 
IB  C11    C  Y N 159 
IB  C12    C  Y N 160 
IB  N1     N  Y N 161 
IB  N2     N  Y N 162 
IB  C13    C  Y N 163 
IB  C14    C  Y N 164 
IB  C15    C  Y N 165 
IB  C16    C  Y N 166 
IB  C17    C  Y N 167 
IB  C18    C  Y N 168 
IB  C19    C  Y N 169 
IB  N3     N  Y N 170 
IB  N4     N  Y N 171 
IB  N6     N  N N 172 
IB  N7     N  N N 173 
IB  C20    C  N N 174 
IB  C21    C  N N 175 
IB  C22    C  N N 176 
IB  C23    C  N N 177 
IB  C24    C  N N 178 
IB  I      I  N N 179 
IB  CN2    C  N N 180 
IB  H2     H  N N 181 
IB  H3     H  N N 182 
IB  H5     H  N N 183 
IB  H9     H  N N 184 
IB  H10    H  N N 185 
IB  H12    H  N N 186 
IB  HN1    H  N N 187 
IB  H16    H  N N 188 
IB  H17    H  N N 189 
IB  H19    H  N N 190 
IB  HN3    H  N N 191 
IB  HN7    H  N N 192 
IB  H201   H  N N 193 
IB  H202   H  N N 194 
IB  H211   H  N N 195 
IB  H212   H  N N 196 
IB  H221   H  N N 197 
IB  H222   H  N N 198 
IB  H231   H  N N 199 
IB  H232   H  N N 200 
IB  H241   H  N N 201 
IB  H242   H  N N 202 
IB  H243   H  N N 203 
IB  HN21   H  N N 204 
IB  HN22   H  N N 205 
IB  HN23   H  N N 206 
MG  MG     MG N N 207 
# 
loop_
_chem_comp_bond.comp_id 
_chem_comp_bond.atom_id_1 
_chem_comp_bond.atom_id_2 
_chem_comp_bond.value_order 
_chem_comp_bond.pdbx_aromatic_flag 
_chem_comp_bond.pdbx_stereo_config 
_chem_comp_bond.pdbx_ordinal 
DA  OP3   P      sing N N 1   
DA  OP3   HOP3   sing N N 2   
DA  P     OP1    doub N N 3   
DA  P     OP2    sing N N 4   
DA  P     "O5'"  sing N N 5   
DA  OP2   HOP2   sing N N 6   
DA  "O5'" "C5'"  sing N N 7   
DA  "C5'" "C4'"  sing N N 8   
DA  "C5'" "H5'"  sing N N 9   
DA  "C5'" "H5''" sing N N 10  
DA  "C4'" "O4'"  sing N N 11  
DA  "C4'" "C3'"  sing N N 12  
DA  "C4'" "H4'"  sing N N 13  
DA  "O4'" "C1'"  sing N N 14  
DA  "C3'" "O3'"  sing N N 15  
DA  "C3'" "C2'"  sing N N 16  
DA  "C3'" "H3'"  sing N N 17  
DA  "O3'" "HO3'" sing N N 18  
DA  "C2'" "C1'"  sing N N 19  
DA  "C2'" "H2'"  sing N N 20  
DA  "C2'" "H2''" sing N N 21  
DA  "C1'" N9     sing N N 22  
DA  "C1'" "H1'"  sing N N 23  
DA  N9    C8     sing Y N 24  
DA  N9    C4     sing Y N 25  
DA  C8    N7     doub Y N 26  
DA  C8    H8     sing N N 27  
DA  N7    C5     sing Y N 28  
DA  C5    C6     sing Y N 29  
DA  C5    C4     doub Y N 30  
DA  C6    N6     sing N N 31  
DA  C6    N1     doub Y N 32  
DA  N6    H61    sing N N 33  
DA  N6    H62    sing N N 34  
DA  N1    C2     sing Y N 35  
DA  C2    N3     doub Y N 36  
DA  C2    H2     sing N N 37  
DA  N3    C4     sing Y N 38  
DC  OP3   P      sing N N 39  
DC  OP3   HOP3   sing N N 40  
DC  P     OP1    doub N N 41  
DC  P     OP2    sing N N 42  
DC  P     "O5'"  sing N N 43  
DC  OP2   HOP2   sing N N 44  
DC  "O5'" "C5'"  sing N N 45  
DC  "C5'" "C4'"  sing N N 46  
DC  "C5'" "H5'"  sing N N 47  
DC  "C5'" "H5''" sing N N 48  
DC  "C4'" "O4'"  sing N N 49  
DC  "C4'" "C3'"  sing N N 50  
DC  "C4'" "H4'"  sing N N 51  
DC  "O4'" "C1'"  sing N N 52  
DC  "C3'" "O3'"  sing N N 53  
DC  "C3'" "C2'"  sing N N 54  
DC  "C3'" "H3'"  sing N N 55  
DC  "O3'" "HO3'" sing N N 56  
DC  "C2'" "C1'"  sing N N 57  
DC  "C2'" "H2'"  sing N N 58  
DC  "C2'" "H2''" sing N N 59  
DC  "C1'" N1     sing N N 60  
DC  "C1'" "H1'"  sing N N 61  
DC  N1    C2     sing N N 62  
DC  N1    C6     sing N N 63  
DC  C2    O2     doub N N 64  
DC  C2    N3     sing N N 65  
DC  N3    C4     doub N N 66  
DC  C4    N4     sing N N 67  
DC  C4    C5     sing N N 68  
DC  N4    H41    sing N N 69  
DC  N4    H42    sing N N 70  
DC  C5    C6     doub N N 71  
DC  C5    H5     sing N N 72  
DC  C6    H6     sing N N 73  
DG  OP3   P      sing N N 74  
DG  OP3   HOP3   sing N N 75  
DG  P     OP1    doub N N 76  
DG  P     OP2    sing N N 77  
DG  P     "O5'"  sing N N 78  
DG  OP2   HOP2   sing N N 79  
DG  "O5'" "C5'"  sing N N 80  
DG  "C5'" "C4'"  sing N N 81  
DG  "C5'" "H5'"  sing N N 82  
DG  "C5'" "H5''" sing N N 83  
DG  "C4'" "O4'"  sing N N 84  
DG  "C4'" "C3'"  sing N N 85  
DG  "C4'" "H4'"  sing N N 86  
DG  "O4'" "C1'"  sing N N 87  
DG  "C3'" "O3'"  sing N N 88  
DG  "C3'" "C2'"  sing N N 89  
DG  "C3'" "H3'"  sing N N 90  
DG  "O3'" "HO3'" sing N N 91  
DG  "C2'" "C1'"  sing N N 92  
DG  "C2'" "H2'"  sing N N 93  
DG  "C2'" "H2''" sing N N 94  
DG  "C1'" N9     sing N N 95  
DG  "C1'" "H1'"  sing N N 96  
DG  N9    C8     sing Y N 97  
DG  N9    C4     sing Y N 98  
DG  C8    N7     doub Y N 99  
DG  C8    H8     sing N N 100 
DG  N7    C5     sing Y N 101 
DG  C5    C6     sing N N 102 
DG  C5    C4     doub Y N 103 
DG  C6    O6     doub N N 104 
DG  C6    N1     sing N N 105 
DG  N1    C2     sing N N 106 
DG  N1    H1     sing N N 107 
DG  C2    N2     sing N N 108 
DG  C2    N3     doub N N 109 
DG  N2    H21    sing N N 110 
DG  N2    H22    sing N N 111 
DG  N3    C4     sing N N 112 
DT  OP3   P      sing N N 113 
DT  OP3   HOP3   sing N N 114 
DT  P     OP1    doub N N 115 
DT  P     OP2    sing N N 116 
DT  P     "O5'"  sing N N 117 
DT  OP2   HOP2   sing N N 118 
DT  "O5'" "C5'"  sing N N 119 
DT  "C5'" "C4'"  sing N N 120 
DT  "C5'" "H5'"  sing N N 121 
DT  "C5'" "H5''" sing N N 122 
DT  "C4'" "O4'"  sing N N 123 
DT  "C4'" "C3'"  sing N N 124 
DT  "C4'" "H4'"  sing N N 125 
DT  "O4'" "C1'"  sing N N 126 
DT  "C3'" "O3'"  sing N N 127 
DT  "C3'" "C2'"  sing N N 128 
DT  "C3'" "H3'"  sing N N 129 
DT  "O3'" "HO3'" sing N N 130 
DT  "C2'" "C1'"  sing N N 131 
DT  "C2'" "H2'"  sing N N 132 
DT  "C2'" "H2''" sing N N 133 
DT  "C1'" N1     sing N N 134 
DT  "C1'" "H1'"  sing N N 135 
DT  N1    C2     sing N N 136 
DT  N1    C6     sing N N 137 
DT  C2    O2     doub N N 138 
DT  C2    N3     sing N N 139 
DT  N3    C4     sing N N 140 
DT  N3    H3     sing N N 141 
DT  C4    O4     doub N N 142 
DT  C4    C5     sing N N 143 
DT  C5    C7     sing N N 144 
DT  C5    C6     doub N N 145 
DT  C7    H71    sing N N 146 
DT  C7    H72    sing N N 147 
DT  C7    H73    sing N N 148 
DT  C6    H6     sing N N 149 
HOH O     H1     sing N N 150 
HOH O     H2     sing N N 151 
IB  CYT   C2     doub Y N 152 
IB  CYT   C4     sing Y N 153 
IB  CYT   O      sing N N 154 
IB  C1    C3     doub Y N 155 
IB  C1    C5     sing Y N 156 
IB  C1    C6     sing Y N 157 
IB  C2    C3     sing Y N 158 
IB  C2    H2     sing N N 159 
IB  C3    H3     sing N N 160 
IB  C4    C5     doub Y N 161 
IB  C4    I      sing N N 162 
IB  C5    H5     sing N N 163 
IB  O     CN2    sing N N 164 
IB  C6    N1     sing Y N 165 
IB  C6    N2     doub Y N 166 
IB  C7    C8     doub Y N 167 
IB  C7    C12    sing Y N 168 
IB  C7    N1     sing Y N 169 
IB  C8    C9     sing Y N 170 
IB  C8    N2     sing Y N 171 
IB  C9    C10    doub Y N 172 
IB  C9    H9     sing N N 173 
IB  C10   C11    sing Y N 174 
IB  C10   H10    sing N N 175 
IB  C11   C12    doub Y N 176 
IB  C11   C13    sing Y N 177 
IB  C12   H12    sing N N 178 
IB  N1    HN1    sing N N 179 
IB  C13   N3     sing Y N 180 
IB  C13   N4     doub Y N 181 
IB  C14   C15    doub Y N 182 
IB  C14   C19    sing Y N 183 
IB  C14   N3     sing Y N 184 
IB  C15   C16    sing Y N 185 
IB  C15   N4     sing Y N 186 
IB  C16   C17    doub Y N 187 
IB  C16   H16    sing N N 188 
IB  C17   C18    sing Y N 189 
IB  C17   H17    sing N N 190 
IB  C18   C19    doub Y N 191 
IB  C18   N6     sing N N 192 
IB  C19   H19    sing N N 193 
IB  N3    HN3    sing N N 194 
IB  N6    C20    sing N N 195 
IB  N6    C23    sing N N 196 
IB  N7    C21    sing N N 197 
IB  N7    C22    sing N N 198 
IB  N7    C24    sing N N 199 
IB  N7    HN7    sing N N 200 
IB  C20   C21    sing N N 201 
IB  C20   H201   sing N N 202 
IB  C20   H202   sing N N 203 
IB  C21   H211   sing N N 204 
IB  C21   H212   sing N N 205 
IB  C22   C23    sing N N 206 
IB  C22   H221   sing N N 207 
IB  C22   H222   sing N N 208 
IB  C23   H231   sing N N 209 
IB  C23   H232   sing N N 210 
IB  C24   H241   sing N N 211 
IB  C24   H242   sing N N 212 
IB  C24   H243   sing N N 213 
IB  CN2   HN21   sing N N 214 
IB  CN2   HN22   sing N N 215 
IB  CN2   HN23   sing N N 216 
# 
_ndb_struct_conf_na.entry_id   442D 
_ndb_struct_conf_na.feature    'b-form double helix' 
# 
loop_
_ndb_struct_na_base_pair.model_number 
_ndb_struct_na_base_pair.i_label_asym_id 
_ndb_struct_na_base_pair.i_label_comp_id 
_ndb_struct_na_base_pair.i_label_seq_id 
_ndb_struct_na_base_pair.i_symmetry 
_ndb_struct_na_base_pair.j_label_asym_id 
_ndb_struct_na_base_pair.j_label_comp_id 
_ndb_struct_na_base_pair.j_label_seq_id 
_ndb_struct_na_base_pair.j_symmetry 
_ndb_struct_na_base_pair.shear 
_ndb_struct_na_base_pair.stretch 
_ndb_struct_na_base_pair.stagger 
_ndb_struct_na_base_pair.buckle 
_ndb_struct_na_base_pair.propeller 
_ndb_struct_na_base_pair.opening 
_ndb_struct_na_base_pair.pair_number 
_ndb_struct_na_base_pair.pair_name 
_ndb_struct_na_base_pair.i_auth_asym_id 
_ndb_struct_na_base_pair.i_auth_seq_id 
_ndb_struct_na_base_pair.i_PDB_ins_code 
_ndb_struct_na_base_pair.j_auth_asym_id 
_ndb_struct_na_base_pair.j_auth_seq_id 
_ndb_struct_na_base_pair.j_PDB_ins_code 
_ndb_struct_na_base_pair.hbond_type_28 
_ndb_struct_na_base_pair.hbond_type_12 
1 A DC 1  1_555 B DG 12 1_555 0.274  -0.066 -0.049 19.436  -12.671 -1.081 1  A_DC1:DG24_B  A 1  ? B 24 ? 19 1 
1 A DG 2  1_555 B DC 11 1_555 -0.119 -0.185 -0.056 3.259   -12.388 -0.452 2  A_DG2:DC23_B  A 2  ? B 23 ? 19 1 
1 A DC 3  1_555 B DG 10 1_555 0.177  -0.103 0.250  -6.437  -15.424 3.276  3  A_DC3:DG22_B  A 3  ? B 22 ? 19 1 
1 A DG 4  1_555 B DC 9  1_555 -0.191 -0.157 -0.040 4.251   -6.530  0.509  4  A_DG4:DC21_B  A 4  ? B 21 ? 19 1 
1 A DA 5  1_555 B DT 8  1_555 0.151  -0.097 -0.068 4.880   -14.421 3.244  5  A_DA5:DT20_B  A 5  ? B 20 ? 20 1 
1 A DA 6  1_555 B DT 7  1_555 0.068  -0.035 -0.068 -2.030  -21.726 12.845 6  A_DA6:DT19_B  A 6  ? B 19 ? 20 1 
1 A DT 7  1_555 B DA 6  1_555 -0.087 -0.073 0.010  -8.313  -24.597 5.246  7  A_DT7:DA18_B  A 7  ? B 18 ? 20 1 
1 A DT 8  1_555 B DA 5  1_555 -0.132 -0.028 -0.094 -14.259 -21.240 1.144  8  A_DT8:DA17_B  A 8  ? B 17 ? 20 1 
1 A DC 9  1_555 B DG 4  1_555 0.273  -0.108 -0.216 -10.026 7.981   -3.228 9  A_DC9:DG16_B  A 9  ? B 16 ? 19 1 
1 A DG 10 1_555 B DC 3  1_555 -0.152 -0.085 0.324  15.442  -0.158  1.059  10 A_DG10:DC15_B A 10 ? B 15 ? 19 1 
1 A DC 11 1_555 B DG 2  1_555 0.030  -0.163 0.181  6.968   -19.180 -3.977 11 A_DC11:DG14_B A 11 ? B 14 ? 19 1 
1 A DG 12 1_555 B DC 1  1_555 -0.225 -0.201 0.663  -0.307  -11.096 -4.455 12 A_DG12:DC13_B A 12 ? B 13 ? 19 1 
# 
loop_
_ndb_struct_na_base_pair_step.model_number 
_ndb_struct_na_base_pair_step.i_label_asym_id_1 
_ndb_struct_na_base_pair_step.i_label_comp_id_1 
_ndb_struct_na_base_pair_step.i_label_seq_id_1 
_ndb_struct_na_base_pair_step.i_symmetry_1 
_ndb_struct_na_base_pair_step.j_label_asym_id_1 
_ndb_struct_na_base_pair_step.j_label_comp_id_1 
_ndb_struct_na_base_pair_step.j_label_seq_id_1 
_ndb_struct_na_base_pair_step.j_symmetry_1 
_ndb_struct_na_base_pair_step.i_label_asym_id_2 
_ndb_struct_na_base_pair_step.i_label_comp_id_2 
_ndb_struct_na_base_pair_step.i_label_seq_id_2 
_ndb_struct_na_base_pair_step.i_symmetry_2 
_ndb_struct_na_base_pair_step.j_label_asym_id_2 
_ndb_struct_na_base_pair_step.j_label_comp_id_2 
_ndb_struct_na_base_pair_step.j_label_seq_id_2 
_ndb_struct_na_base_pair_step.j_symmetry_2 
_ndb_struct_na_base_pair_step.shift 
_ndb_struct_na_base_pair_step.slide 
_ndb_struct_na_base_pair_step.rise 
_ndb_struct_na_base_pair_step.tilt 
_ndb_struct_na_base_pair_step.roll 
_ndb_struct_na_base_pair_step.twist 
_ndb_struct_na_base_pair_step.x_displacement 
_ndb_struct_na_base_pair_step.y_displacement 
_ndb_struct_na_base_pair_step.helical_rise 
_ndb_struct_na_base_pair_step.inclination 
_ndb_struct_na_base_pair_step.tip 
_ndb_struct_na_base_pair_step.helical_twist 
_ndb_struct_na_base_pair_step.step_number 
_ndb_struct_na_base_pair_step.step_name 
_ndb_struct_na_base_pair_step.i_auth_asym_id_1 
_ndb_struct_na_base_pair_step.i_auth_seq_id_1 
_ndb_struct_na_base_pair_step.i_PDB_ins_code_1 
_ndb_struct_na_base_pair_step.j_auth_asym_id_1 
_ndb_struct_na_base_pair_step.j_auth_seq_id_1 
_ndb_struct_na_base_pair_step.j_PDB_ins_code_1 
_ndb_struct_na_base_pair_step.i_auth_asym_id_2 
_ndb_struct_na_base_pair_step.i_auth_seq_id_2 
_ndb_struct_na_base_pair_step.i_PDB_ins_code_2 
_ndb_struct_na_base_pair_step.j_auth_asym_id_2 
_ndb_struct_na_base_pair_step.j_auth_seq_id_2 
_ndb_struct_na_base_pair_step.j_PDB_ins_code_2 
1 A DC 1  1_555 B DG 12 1_555 A DG 2  1_555 B DC 11 1_555 0.886  0.589  3.691 5.527  7.413   35.364 -0.257 -0.522 3.824 11.953  
-8.911 36.515 1  AA_DC1DG2:DC23DG24_BB   A 1  ? B 24 ? A 2  ? B 23 ? 
1 A DG 2  1_555 B DC 11 1_555 A DC 3  1_555 B DG 10 1_555 0.314  0.204  3.478 -1.629 -1.797  35.377 0.615  -0.768 3.446 -2.954  
2.677  35.457 2  AA_DG2DC3:DG22DC23_BB   A 2  ? B 23 ? A 3  ? B 22 ? 
1 A DC 3  1_555 B DG 10 1_555 A DG 4  1_555 B DC 9  1_555 -0.215 0.913  3.138 3.231  6.993   40.306 0.555  0.653  3.220 10.037  
-4.637 41.005 3  AA_DC3DG4:DC21DG22_BB   A 3  ? B 22 ? A 4  ? B 21 ? 
1 A DG 4  1_555 B DC 9  1_555 A DA 5  1_555 B DT 8  1_555 0.153  -0.063 3.307 0.028  3.513   37.145 -0.568 -0.236 3.287 5.500   
-0.044 37.305 4  AA_DG4DA5:DT20DC21_BB   A 4  ? B 21 ? A 5  ? B 20 ? 
1 A DA 5  1_555 B DT 8  1_555 A DA 6  1_555 B DT 7  1_555 -0.237 -0.121 3.338 -2.330 2.953   37.997 -0.566 0.063  3.328 4.523   
3.568  38.176 5  AA_DA5DA6:DT19DT20_BB   A 5  ? B 20 ? A 6  ? B 19 ? 
1 A DA 6  1_555 B DT 7  1_555 A DT 7  1_555 B DA 6  1_555 -0.435 -0.432 3.358 -0.188 0.748   32.870 -0.894 0.735  3.350 1.322   
0.331  32.879 6  AA_DA6DT7:DA18DT19_BB   A 6  ? B 19 ? A 7  ? B 18 ? 
1 A DT 7  1_555 B DA 6  1_555 A DT 8  1_555 B DA 5  1_555 -0.021 0.157  3.342 1.383  9.634   34.378 -1.181 0.241  3.263 15.909  
-2.283 35.689 7  AA_DT7DT8:DA17DA18_BB   A 7  ? B 18 ? A 8  ? B 17 ? 
1 A DT 8  1_555 B DA 5  1_555 A DC 9  1_555 B DG 4  1_555 1.038  1.081  3.456 3.287  0.788   36.138 1.616  -1.172 3.555 1.267   
-5.285 36.291 8  AA_DT8DC9:DG16DA17_BB   A 8  ? B 17 ? A 9  ? B 16 ? 
1 A DC 9  1_555 B DG 4  1_555 A DG 10 1_555 B DC 3  1_555 -0.154 1.334  3.029 -6.747 -4.132  30.551 3.151  -0.854 2.799 -7.680  
12.542 31.536 9  AA_DC9DG10:DC15DG16_BB  A 9  ? B 16 ? A 10 ? B 15 ? 
1 A DG 10 1_555 B DC 3  1_555 A DC 11 1_555 B DG 2  1_555 -1.309 0.104  3.630 -1.486 -10.634 37.289 1.608  1.770  3.519 -16.224 
2.267  38.752 10 AA_DG10DC11:DG14DC15_BB A 10 ? B 15 ? A 11 ? B 14 ? 
1 A DC 11 1_555 B DG 2  1_555 A DG 12 1_555 B DC 1  1_555 -0.734 0.169  3.448 -7.566 4.641   38.540 -0.340 0.124  3.521 6.919   
11.281 39.511 11 AA_DC11DG12:DC13DG14_BB A 11 ? B 14 ? A 12 ? B 13 ? 
# 
_atom_sites.entry_id                    442D 
_atom_sites.fract_transf_matrix[1][1]   -0.01129043 
_atom_sites.fract_transf_matrix[1][2]   -0.03910230 
_atom_sites.fract_transf_matrix[1][3]   0.00118768 
_atom_sites.fract_transf_matrix[2][1]   0.00536689 
_atom_sites.fract_transf_matrix[2][2]   -0.00066751 
_atom_sites.fract_transf_matrix[2][3]   0.02904274 
_atom_sites.fract_transf_matrix[3][1]   -0.01542831 
_atom_sites.fract_transf_matrix[3][2]   0.00454455 
_atom_sites.fract_transf_matrix[3][3]   0.00295549 
_atom_sites.fract_transf_vector[1]      0.459064 
_atom_sites.fract_transf_vector[2]      0.049639 
_atom_sites.fract_transf_vector[3]      0.354201 
# 
loop_
_atom_type.symbol 
C  
I  
MG 
N  
O  
P  
# 
loop_
_atom_site.group_PDB 
_atom_site.id 
_atom_site.type_symbol 
_atom_site.label_atom_id 
_atom_site.label_alt_id 
_atom_site.label_comp_id 
_atom_site.label_asym_id 
_atom_site.label_entity_id 
_atom_site.label_seq_id 
_atom_site.pdbx_PDB_ins_code 
_atom_site.Cartn_x 
_atom_site.Cartn_y 
_atom_site.Cartn_z 
_atom_site.occupancy 
_atom_site.B_iso_or_equiv 
_atom_site.pdbx_formal_charge 
_atom_site.auth_seq_id 
_atom_site.auth_comp_id 
_atom_site.auth_asym_id 
_atom_site.auth_atom_id 
_atom_site.pdbx_PDB_model_num 
ATOM   1   O  "O5'" . DC  A 1 1  ? 18.686  3.096   11.179  1.00 30.11 ? 1  DC  A "O5'" 1 
ATOM   2   C  "C5'" . DC  A 1 1  ? 18.140  2.520   9.996   1.00 20.27 ? 1  DC  A "C5'" 1 
ATOM   3   C  "C4'" . DC  A 1 1  ? 18.045  3.756   9.033   1.00 16.59 ? 1  DC  A "C4'" 1 
ATOM   4   O  "O4'" . DC  A 1 1  ? 18.390  3.349   7.684   1.00 16.13 ? 1  DC  A "O4'" 1 
ATOM   5   C  "C3'" . DC  A 1 1  ? 16.707  4.396   8.940   1.00 14.69 ? 1  DC  A "C3'" 1 
ATOM   6   O  "O3'" . DC  A 1 1  ? 16.881  5.794   8.693   1.00 13.83 ? 1  DC  A "O3'" 1 
ATOM   7   C  "C2'" . DC  A 1 1  ? 16.048  3.707   7.791   1.00 12.88 ? 1  DC  A "C2'" 1 
ATOM   8   C  "C1'" . DC  A 1 1  ? 17.202  3.413   6.862   1.00 13.29 ? 1  DC  A "C1'" 1 
ATOM   9   N  N1    . DC  A 1 1  ? 17.262  2.123   6.166   1.00 10.51 ? 1  DC  A N1    1 
ATOM   10  C  C2    . DC  A 1 1  ? 17.812  2.097   4.883   1.00 14.89 ? 1  DC  A C2    1 
ATOM   11  O  O2    . DC  A 1 1  ? 18.227  3.163   4.368   1.00 10.26 ? 1  DC  A O2    1 
ATOM   12  N  N3    . DC  A 1 1  ? 17.882  0.914   4.221   1.00 8.39  ? 1  DC  A N3    1 
ATOM   13  C  C4    . DC  A 1 1  ? 17.437  -0.209  4.775   1.00 9.19  ? 1  DC  A C4    1 
ATOM   14  N  N4    . DC  A 1 1  ? 17.533  -1.341  4.072   1.00 11.68 ? 1  DC  A N4    1 
ATOM   15  C  C5    . DC  A 1 1  ? 16.872  -0.207  6.091   1.00 12.51 ? 1  DC  A C5    1 
ATOM   16  C  C6    . DC  A 1 1  ? 16.806  0.966   6.744   1.00 13.14 ? 1  DC  A C6    1 
ATOM   17  P  P     . DG  A 1 2  ? 15.682  6.852   8.656   1.00 16.95 ? 2  DG  A P     1 
ATOM   18  O  OP1   . DG  A 1 2  ? 16.308  8.129   8.887   1.00 22.72 ? 2  DG  A OP1   1 
ATOM   19  O  OP2   . DG  A 1 2  ? 14.594  6.265   9.402   1.00 15.87 ? 2  DG  A OP2   1 
ATOM   20  O  "O5'" . DG  A 1 2  ? 15.179  6.862   7.063   1.00 15.98 ? 2  DG  A "O5'" 1 
ATOM   21  C  "C5'" . DG  A 1 2  ? 16.008  7.471   6.061   1.00 12.58 ? 2  DG  A "C5'" 1 
ATOM   22  C  "C4'" . DG  A 1 2  ? 15.176  7.172   4.767   1.00 14.30 ? 2  DG  A "C4'" 1 
ATOM   23  O  "O4'" . DG  A 1 2  ? 15.338  5.761   4.433   1.00 13.07 ? 2  DG  A "O4'" 1 
ATOM   24  C  "C3'" . DG  A 1 2  ? 13.721  7.433   4.864   1.00 12.76 ? 2  DG  A "C3'" 1 
ATOM   25  O  "O3'" . DG  A 1 2  ? 13.290  8.110   3.678   1.00 12.71 ? 2  DG  A "O3'" 1 
ATOM   26  C  "C2'" . DG  A 1 2  ? 13.079  6.080   4.971   1.00 11.13 ? 2  DG  A "C2'" 1 
ATOM   27  C  "C1'" . DG  A 1 2  ? 14.046  5.270   4.103   1.00 9.26  ? 2  DG  A "C1'" 1 
ATOM   28  N  N9    . DG  A 1 2  ? 13.997  3.807   4.324   1.00 7.26  ? 2  DG  A N9    1 
ATOM   29  C  C8    . DG  A 1 2  ? 13.604  3.132   5.447   1.00 9.39  ? 2  DG  A C8    1 
ATOM   30  N  N7    . DG  A 1 2  ? 13.682  1.837   5.296   1.00 9.92  ? 2  DG  A N7    1 
ATOM   31  C  C5    . DG  A 1 2  ? 14.148  1.646   4.018   1.00 5.46  ? 2  DG  A C5    1 
ATOM   32  C  C6    . DG  A 1 2  ? 14.429  0.456   3.302   1.00 8.48  ? 2  DG  A C6    1 
ATOM   33  O  O6    . DG  A 1 2  ? 14.309  -0.708  3.697   1.00 9.17  ? 2  DG  A O6    1 
ATOM   34  N  N1    . DG  A 1 2  ? 14.887  0.717   2.017   1.00 7.78  ? 2  DG  A N1    1 
ATOM   35  C  C2    . DG  A 1 2  ? 15.054  1.986   1.493   1.00 9.13  ? 2  DG  A C2    1 
ATOM   36  N  N2    . DG  A 1 2  ? 15.505  2.038   0.239   1.00 7.55  ? 2  DG  A N2    1 
ATOM   37  N  N3    . DG  A 1 2  ? 14.793  3.104   2.155   1.00 6.39  ? 2  DG  A N3    1 
ATOM   38  C  C4    . DG  A 1 2  ? 14.349  2.861   3.397   1.00 6.44  ? 2  DG  A C4    1 
ATOM   39  P  P     . DC  A 1 3  ? 11.922  8.919   3.623   1.00 15.71 ? 3  DC  A P     1 
ATOM   40  O  OP1   . DC  A 1 3  ? 12.148  10.212  4.179   1.00 20.48 ? 3  DC  A OP1   1 
ATOM   41  O  OP2   . DC  A 1 3  ? 10.868  8.007   4.004   1.00 19.94 ? 3  DC  A OP2   1 
ATOM   42  O  "O5'" . DC  A 1 3  ? 12.060  8.988   1.985   1.00 17.72 ? 3  DC  A "O5'" 1 
ATOM   43  C  "C5'" . DC  A 1 3  ? 10.944  8.481   1.264   1.00 25.81 ? 3  DC  A "C5'" 1 
ATOM   44  C  "C4'" . DC  A 1 3  ? 11.656  7.506   0.257   1.00 17.57 ? 3  DC  A "C4'" 1 
ATOM   45  O  "O4'" . DC  A 1 3  ? 12.244  6.419   0.999   1.00 14.23 ? 3  DC  A "O4'" 1 
ATOM   46  C  "C3'" . DC  A 1 3  ? 10.769  6.907   -0.762  1.00 17.33 ? 3  DC  A "C3'" 1 
ATOM   47  O  "O3'" . DC  A 1 3  ? 10.996  7.660   -1.963  1.00 14.33 ? 3  DC  A "O3'" 1 
ATOM   48  C  "C2'" . DC  A 1 3  ? 11.189  5.495   -0.922  1.00 17.61 ? 3  DC  A "C2'" 1 
ATOM   49  C  "C1'" . DC  A 1 3  ? 12.104  5.219   0.238   1.00 12.42 ? 3  DC  A "C1'" 1 
ATOM   50  N  N1    . DC  A 1 3  ? 11.637  4.256   1.256   1.00 12.11 ? 3  DC  A N1    1 
ATOM   51  C  C2    . DC  A 1 3  ? 11.734  2.911   0.862   1.00 13.15 ? 3  DC  A C2    1 
ATOM   52  O  O2    . DC  A 1 3  ? 12.193  2.764   -0.279  1.00 13.46 ? 3  DC  A O2    1 
ATOM   53  N  N3    . DC  A 1 3  ? 11.347  1.926   1.695   1.00 9.33  ? 3  DC  A N3    1 
ATOM   54  C  C4    . DC  A 1 3  ? 10.867  2.220   2.907   1.00 12.56 ? 3  DC  A C4    1 
ATOM   55  N  N4    . DC  A 1 3  ? 10.489  1.225   3.714   1.00 12.47 ? 3  DC  A N4    1 
ATOM   56  C  C5    . DC  A 1 3  ? 10.761  3.570   3.330   1.00 12.42 ? 3  DC  A C5    1 
ATOM   57  C  C6    . DC  A 1 3  ? 11.153  4.541   2.486   1.00 12.70 ? 3  DC  A C6    1 
ATOM   58  P  P     . DG  A 1 4  ? 9.777   8.154   -2.861  1.00 15.94 ? 4  DG  A P     1 
ATOM   59  O  OP1   . DG  A 1 4  ? 10.317  9.154   -3.742  1.00 22.28 ? 4  DG  A OP1   1 
ATOM   60  O  OP2   . DG  A 1 4  ? 8.604   8.158   -2.050  1.00 17.04 ? 4  DG  A OP2   1 
ATOM   61  O  "O5'" . DG  A 1 4  ? 9.562   6.805   -3.866  1.00 16.22 ? 4  DG  A "O5'" 1 
ATOM   62  C  "C5'" . DG  A 1 4  ? 10.695  6.421   -4.635  1.00 12.05 ? 4  DG  A "C5'" 1 
ATOM   63  C  "C4'" . DG  A 1 4  ? 10.262  5.097   -5.342  1.00 10.00 ? 4  DG  A "C4'" 1 
ATOM   64  O  "O4'" . DG  A 1 4  ? 10.123  4.034   -4.357  1.00 11.22 ? 4  DG  A "O4'" 1 
ATOM   65  C  "C3'" . DG  A 1 4  ? 8.957   5.102   -6.061  1.00 14.49 ? 4  DG  A "C3'" 1 
ATOM   66  O  "O3'" . DG  A 1 4  ? 9.059   4.178   -7.153  1.00 10.34 ? 4  DG  A "O3'" 1 
ATOM   67  C  "C2'" . DG  A 1 4  ? 7.948   4.675   -5.040  1.00 10.55 ? 4  DG  A "C2'" 1 
ATOM   68  C  "C1'" . DG  A 1 4  ? 8.732   3.638   -4.272  1.00 12.57 ? 4  DG  A "C1'" 1 
ATOM   69  N  N9    . DG  A 1 4  ? 8.504   3.502   -2.818  1.00 10.08 ? 4  DG  A N9    1 
ATOM   70  C  C8    . DG  A 1 4  ? 8.214   4.489   -1.908  1.00 9.37  ? 4  DG  A C8    1 
ATOM   71  N  N7    . DG  A 1 4  ? 8.068   4.057   -0.689  1.00 8.57  ? 4  DG  A N7    1 
ATOM   72  C  C5    . DG  A 1 4  ? 8.270   2.686   -0.778  1.00 7.22  ? 4  DG  A C5    1 
ATOM   73  C  C6    . DG  A 1 4  ? 8.245   1.659   0.198   1.00 9.85  ? 4  DG  A C6    1 
ATOM   74  O  O6    . DG  A 1 4  ? 8.023   1.762   1.420   1.00 10.47 ? 4  DG  A O6    1 
ATOM   75  N  N1    . DG  A 1 4  ? 8.506   0.403   -0.339  1.00 8.55  ? 4  DG  A N1    1 
ATOM   76  C  C2    . DG  A 1 4  ? 8.764   0.177   -1.672  1.00 10.37 ? 4  DG  A C2    1 
ATOM   77  N  N2    . DG  A 1 4  ? 9.000   -1.085  -2.047  1.00 8.80  ? 4  DG  A N2    1 
ATOM   78  N  N3    . DG  A 1 4  ? 8.790   1.123   -2.594  1.00 6.90  ? 4  DG  A N3    1 
ATOM   79  C  C4    . DG  A 1 4  ? 8.539   2.338   -2.085  1.00 7.45  ? 4  DG  A C4    1 
ATOM   80  P  P     . DA  A 1 5  ? 7.954   3.865   -8.236  1.00 12.12 ? 5  DA  A P     1 
ATOM   81  O  OP1   . DA  A 1 5  ? 8.618   3.517   -9.452  1.00 13.38 ? 5  DA  A OP1   1 
ATOM   82  O  OP2   . DA  A 1 5  ? 6.883   4.856   -8.134  1.00 10.28 ? 5  DA  A OP2   1 
ATOM   83  O  "O5'" . DA  A 1 5  ? 7.225   2.464   -7.665  1.00 14.26 ? 5  DA  A "O5'" 1 
ATOM   84  C  "C5'" . DA  A 1 5  ? 7.955   1.272   -7.916  1.00 15.40 ? 5  DA  A "C5'" 1 
ATOM   85  C  "C4'" . DA  A 1 5  ? 7.106   0.115   -7.306  1.00 10.83 ? 5  DA  A "C4'" 1 
ATOM   86  O  "O4'" . DA  A 1 5  ? 7.053   0.307   -5.855  1.00 11.55 ? 5  DA  A "O4'" 1 
ATOM   87  C  "C3'" . DA  A 1 5  ? 5.684   -0.033  -7.739  1.00 7.11  ? 5  DA  A "C3'" 1 
ATOM   88  O  "O3'" . DA  A 1 5  ? 5.524   -1.402  -8.119  1.00 9.67  ? 5  DA  A "O3'" 1 
ATOM   89  C  "C2'" . DA  A 1 5  ? 4.817   0.294   -6.576  1.00 6.26  ? 5  DA  A "C2'" 1 
ATOM   90  C  "C1'" . DA  A 1 5  ? 5.740   -0.028  -5.413  1.00 9.04  ? 5  DA  A "C1'" 1 
ATOM   91  N  N9    . DA  A 1 5  ? 5.485   0.736   -4.180  1.00 7.49  ? 5  DA  A N9    1 
ATOM   92  C  C8    . DA  A 1 5  ? 5.256   2.087   -4.090  1.00 8.39  ? 5  DA  A C8    1 
ATOM   93  N  N7    . DA  A 1 5  ? 5.057   2.504   -2.860  1.00 5.80  ? 5  DA  A N7    1 
ATOM   94  C  C5    . DA  A 1 5  ? 5.161   1.363   -2.082  1.00 5.21  ? 5  DA  A C5    1 
ATOM   95  C  C6    . DA  A 1 5  ? 5.053   1.118   -0.701  1.00 10.68 ? 5  DA  A C6    1 
ATOM   96  N  N6    . DA  A 1 5  ? 4.804   2.048   0.226   1.00 8.83  ? 5  DA  A N6    1 
ATOM   97  N  N1    . DA  A 1 5  ? 5.216   -0.158  -0.267  1.00 6.40  ? 5  DA  A N1    1 
ATOM   98  C  C2    . DA  A 1 5  ? 5.468   -1.111  -1.174  1.00 5.93  ? 5  DA  A C2    1 
ATOM   99  N  N3    . DA  A 1 5  ? 5.591   -1.009  -2.491  1.00 5.22  ? 5  DA  A N3    1 
ATOM   100 C  C4    . DA  A 1 5  ? 5.425   0.268   -2.884  1.00 7.26  ? 5  DA  A C4    1 
ATOM   101 P  P     . DA  A 1 6  ? 4.264   -2.302  -8.511  1.00 10.04 ? 6  DA  A P     1 
ATOM   102 O  OP1   . DA  A 1 6  ? 4.751   -3.206  -9.543  1.00 11.67 ? 6  DA  A OP1   1 
ATOM   103 O  OP2   . DA  A 1 6  ? 3.127   -1.445  -8.611  1.00 10.43 ? 6  DA  A OP2   1 
ATOM   104 O  "O5'" . DA  A 1 6  ? 3.979   -3.290  -7.192  1.00 10.18 ? 6  DA  A "O5'" 1 
ATOM   105 C  "C5'" . DA  A 1 6  ? 5.004   -4.202  -6.795  1.00 9.65  ? 6  DA  A "C5'" 1 
ATOM   106 C  "C4'" . DA  A 1 6  ? 4.358   -4.991  -5.605  1.00 8.80  ? 6  DA  A "C4'" 1 
ATOM   107 O  "O4'" . DA  A 1 6  ? 4.214   -4.114  -4.446  1.00 6.20  ? 6  DA  A "O4'" 1 
ATOM   108 C  "C3'" . DA  A 1 6  ? 3.008   -5.565  -5.864  1.00 12.04 ? 6  DA  A "C3'" 1 
ATOM   109 O  "O3'" . DA  A 1 6  ? 3.036   -6.899  -5.344  1.00 11.69 ? 6  DA  A "O3'" 1 
ATOM   110 C  "C2'" . DA  A 1 6  ? 2.035   -4.703  -5.139  1.00 7.99  ? 6  DA  A "C2'" 1 
ATOM   111 C  "C1'" . DA  A 1 6  ? 2.851   -4.168  -3.989  1.00 8.12  ? 6  DA  A "C1'" 1 
ATOM   112 N  N9    . DA  A 1 6  ? 2.577   -2.789  -3.537  1.00 6.83  ? 6  DA  A N9    1 
ATOM   113 C  C8    . DA  A 1 6  ? 2.487   -1.708  -4.396  1.00 6.58  ? 6  DA  A C8    1 
ATOM   114 N  N7    . DA  A 1 6  ? 2.240   -0.575  -3.800  1.00 7.60  ? 6  DA  A N7    1 
ATOM   115 C  C5    . DA  A 1 6  ? 2.159   -0.910  -2.460  1.00 6.03  ? 6  DA  A C5    1 
ATOM   116 C  C6    . DA  A 1 6  ? 1.920   -0.146  -1.311  1.00 4.34  ? 6  DA  A C6    1 
ATOM   117 N  N6    . DA  A 1 6  ? 1.700   1.182   -1.311  1.00 7.29  ? 6  DA  A N6    1 
ATOM   118 N  N1    . DA  A 1 6  ? 1.910   -0.805  -0.145  1.00 6.37  ? 6  DA  A N1    1 
ATOM   119 C  C2    . DA  A 1 6  ? 2.122   -2.128  -0.097  1.00 7.05  ? 6  DA  A C2    1 
ATOM   120 N  N3    . DA  A 1 6  ? 2.363   -2.955  -1.131  1.00 7.79  ? 6  DA  A N3    1 
ATOM   121 C  C4    . DA  A 1 6  ? 2.365   -2.266  -2.284  1.00 7.02  ? 6  DA  A C4    1 
ATOM   122 P  P     . DT  A 1 7  ? 1.878   -8.021  -5.485  1.00 10.55 ? 7  DT  A P     1 
ATOM   123 O  OP1   . DT  A 1 7  ? 2.578   -9.271  -5.281  1.00 11.51 ? 7  DT  A OP1   1 
ATOM   124 O  OP2   . DT  A 1 7  ? 1.092   -7.616  -6.603  1.00 11.98 ? 7  DT  A OP2   1 
ATOM   125 O  "O5'" . DT  A 1 7  ? 1.084   -7.654  -4.074  1.00 9.77  ? 7  DT  A "O5'" 1 
ATOM   126 C  "C5'" . DT  A 1 7  ? 1.782   -7.848  -2.840  1.00 9.32  ? 7  DT  A "C5'" 1 
ATOM   127 C  "C4'" . DT  A 1 7  ? 0.763   -7.427  -1.727  1.00 3.74  ? 7  DT  A "C4'" 1 
ATOM   128 O  "O4'" . DT  A 1 7  ? 0.566   -5.986  -1.816  1.00 8.21  ? 7  DT  A "O4'" 1 
ATOM   129 C  "C3'" . DT  A 1 7  ? -0.605  -8.014  -1.770  1.00 9.21  ? 7  DT  A "C3'" 1 
ATOM   130 O  "O3'" . DT  A 1 7  ? -0.733  -8.881  -0.630  1.00 12.25 ? 7  DT  A "O3'" 1 
ATOM   131 C  "C2'" . DT  A 1 7  ? -1.576  -6.874  -1.707  1.00 7.31  ? 7  DT  A "C2'" 1 
ATOM   132 C  "C1'" . DT  A 1 7  ? -0.731  -5.736  -1.189  1.00 8.83  ? 7  DT  A "C1'" 1 
ATOM   133 N  N1    . DT  A 1 7  ? -0.952  -4.324  -1.554  1.00 6.35  ? 7  DT  A N1    1 
ATOM   134 C  C2    . DT  A 1 7  ? -1.138  -3.386  -0.562  1.00 9.07  ? 7  DT  A C2    1 
ATOM   135 O  O2    . DT  A 1 7  ? -1.118  -3.720  0.612   1.00 10.16 ? 7  DT  A O2    1 
ATOM   136 N  N3    . DT  A 1 7  ? -1.336  -2.100  -0.989  1.00 10.78 ? 7  DT  A N3    1 
ATOM   137 C  C4    . DT  A 1 7  ? -1.368  -1.652  -2.311  1.00 7.86  ? 7  DT  A C4    1 
ATOM   138 O  O4    . DT  A 1 7  ? -1.557  -0.465  -2.559  1.00 11.90 ? 7  DT  A O4    1 
ATOM   139 C  C5    . DT  A 1 7  ? -1.169  -2.688  -3.294  1.00 10.00 ? 7  DT  A C5    1 
ATOM   140 C  C7    . DT  A 1 7  ? -1.181  -2.357  -4.758  1.00 8.45  ? 7  DT  A C7    1 
ATOM   141 C  C6    . DT  A 1 7  ? -0.973  -3.949  -2.878  1.00 6.60  ? 7  DT  A C6    1 
ATOM   142 P  P     . DT  A 1 8  ? -1.991  -9.791  -0.232  1.00 12.42 ? 8  DT  A P     1 
ATOM   143 O  OP1   . DT  A 1 8  ? -1.524  -10.719 0.789   1.00 15.42 ? 8  DT  A OP1   1 
ATOM   144 O  OP2   . DT  A 1 8  ? -2.558  -10.221 -1.495  1.00 10.73 ? 8  DT  A OP2   1 
ATOM   145 O  "O5'" . DT  A 1 8  ? -3.111  -8.852  0.540   1.00 10.11 ? 8  DT  A "O5'" 1 
ATOM   146 C  "C5'" . DT  A 1 8  ? -2.688  -8.398  1.832   1.00 11.35 ? 8  DT  A "C5'" 1 
ATOM   147 C  "C4'" . DT  A 1 8  ? -3.831  -7.374  2.130   1.00 9.79  ? 8  DT  A "C4'" 1 
ATOM   148 O  "O4'" . DT  A 1 8  ? -3.687  -6.194  1.305   1.00 11.09 ? 8  DT  A "O4'" 1 
ATOM   149 C  "C3'" . DT  A 1 8  ? -5.208  -7.875  1.860   1.00 12.88 ? 8  DT  A "C3'" 1 
ATOM   150 O  "O3'" . DT  A 1 8  ? -5.783  -8.221  3.122   1.00 15.28 ? 8  DT  A "O3'" 1 
ATOM   151 C  "C2'" . DT  A 1 8  ? -5.959  -6.761  1.214   1.00 14.11 ? 8  DT  A "C2'" 1 
ATOM   152 C  "C1'" . DT  A 1 8  ? -5.015  -5.591  1.326   1.00 14.60 ? 8  DT  A "C1'" 1 
ATOM   153 N  N1    . DT  A 1 8  ? -4.913  -4.580  0.258   1.00 12.35 ? 8  DT  A N1    1 
ATOM   154 C  C2    . DT  A 1 8  ? -4.980  -3.253  0.600   1.00 14.97 ? 8  DT  A C2    1 
ATOM   155 O  O2    . DT  A 1 8  ? -5.121  -2.870  1.759   1.00 15.72 ? 8  DT  A O2    1 
ATOM   156 N  N3    . DT  A 1 8  ? -4.878  -2.353  -0.433  1.00 10.47 ? 8  DT  A N3    1 
ATOM   157 C  C4    . DT  A 1 8  ? -4.714  -2.700  -1.767  1.00 8.87  ? 8  DT  A C4    1 
ATOM   158 O  O4    . DT  A 1 8  ? -4.639  -1.782  -2.570  1.00 9.60  ? 8  DT  A O4    1 
ATOM   159 C  C5    . DT  A 1 8  ? -4.654  -4.109  -2.053  1.00 10.76 ? 8  DT  A C5    1 
ATOM   160 C  C7    . DT  A 1 8  ? -4.478  -4.528  -3.488  1.00 11.39 ? 8  DT  A C7    1 
ATOM   161 C  C6    . DT  A 1 8  ? -4.751  -5.014  -1.053  1.00 5.81  ? 8  DT  A C6    1 
ATOM   162 P  P     . DC  A 1 9  ? -7.273  -8.738  3.364   1.00 20.45 ? 9  DC  A P     1 
ATOM   163 O  OP1   . DC  A 1 9  ? -7.268  -9.174  4.746   1.00 31.02 ? 9  DC  A OP1   1 
ATOM   164 O  OP2   . DC  A 1 9  ? -7.636  -9.554  2.240   1.00 24.38 ? 9  DC  A OP2   1 
ATOM   165 O  "O5'" . DC  A 1 9  ? -8.385  -7.471  3.335   1.00 15.01 ? 9  DC  A "O5'" 1 
ATOM   166 C  "C5'" . DC  A 1 9  ? -8.160  -6.445  4.303   1.00 12.01 ? 9  DC  A "C5'" 1 
ATOM   167 C  "C4'" . DC  A 1 9  ? -9.220  -5.354  3.916   1.00 9.17  ? 9  DC  A "C4'" 1 
ATOM   168 O  "O4'" . DC  A 1 9  ? -8.694  -4.620  2.761   1.00 15.59 ? 9  DC  A "O4'" 1 
ATOM   169 C  "C3'" . DC  A 1 9  ? -10.573 -5.807  3.527   1.00 12.26 ? 9  DC  A "C3'" 1 
ATOM   170 O  "O3'" . DC  A 1 9  ? -11.552 -4.988  4.172   1.00 12.19 ? 9  DC  A "O3'" 1 
ATOM   171 C  "C2'" . DC  A 1 9  ? -10.677 -5.614  2.041   1.00 10.41 ? 9  DC  A "C2'" 1 
ATOM   172 C  "C1'" . DC  A 1 9  ? -9.779  -4.365  1.894   1.00 9.88  ? 9  DC  A "C1'" 1 
ATOM   173 N  N1    . DC  A 1 9  ? -9.295  -4.129  0.532   1.00 14.84 ? 9  DC  A N1    1 
ATOM   174 C  C2    . DC  A 1 9  ? -9.054  -2.822  0.114   1.00 12.95 ? 9  DC  A C2    1 
ATOM   175 O  O2    . DC  A 1 9  ? -9.247  -1.876  0.893   1.00 9.93  ? 9  DC  A O2    1 
ATOM   176 N  N3    . DC  A 1 9  ? -8.611  -2.591  -1.149  1.00 10.59 ? 9  DC  A N3    1 
ATOM   177 C  C4    . DC  A 1 9  ? -8.410  -3.617  -1.966  1.00 14.04 ? 9  DC  A C4    1 
ATOM   178 N  N4    . DC  A 1 9  ? -7.970  -3.338  -3.201  1.00 10.87 ? 9  DC  A N4    1 
ATOM   179 C  C5    . DC  A 1 9  ? -8.646  -4.968  -1.577  1.00 14.46 ? 9  DC  A C5    1 
ATOM   180 C  C6    . DC  A 1 9  ? -9.087  -5.183  -0.325  1.00 13.92 ? 9  DC  A C6    1 
ATOM   181 P  P     . DG  A 1 10 ? -12.501 -5.599  5.310   1.00 13.99 ? 10 DG  A P     1 
ATOM   182 O  OP1   . DG  A 1 10 ? -11.651 -6.249  6.238   1.00 13.70 ? 10 DG  A OP1   1 
ATOM   183 O  OP2   . DG  A 1 10 ? -13.636 -6.202  4.645   1.00 14.26 ? 10 DG  A OP2   1 
ATOM   184 O  "O5'" . DG  A 1 10 ? -12.961 -4.113  5.862   1.00 11.18 ? 10 DG  A "O5'" 1 
ATOM   185 C  "C5'" . DG  A 1 10 ? -12.107 -3.079  6.337   1.00 11.95 ? 10 DG  A "C5'" 1 
ATOM   186 C  "C4'" . DG  A 1 10 ? -12.627 -1.751  5.696   1.00 18.84 ? 10 DG  A "C4'" 1 
ATOM   187 O  "O4'" . DG  A 1 10 ? -12.216 -1.732  4.283   1.00 17.18 ? 10 DG  A "O4'" 1 
ATOM   188 C  "C3'" . DG  A 1 10 ? -14.082 -1.498  5.654   1.00 22.16 ? 10 DG  A "C3'" 1 
ATOM   189 O  "O3'" . DG  A 1 10 ? -14.307 -0.094  5.770   1.00 19.72 ? 10 DG  A "O3'" 1 
ATOM   190 C  "C2'" . DG  A 1 10 ? -14.561 -1.933  4.307   1.00 16.36 ? 10 DG  A "C2'" 1 
ATOM   191 C  "C1'" . DG  A 1 10 ? -13.385 -1.422  3.503   1.00 13.35 ? 10 DG  A "C1'" 1 
ATOM   192 N  N9    . DG  A 1 10 ? -13.140 -2.047  2.198   1.00 14.86 ? 10 DG  A N9    1 
ATOM   193 C  C8    . DG  A 1 10 ? -13.340 -3.358  1.849   1.00 11.25 ? 10 DG  A C8    1 
ATOM   194 N  N7    . DG  A 1 10 ? -13.024 -3.595  0.605   1.00 13.47 ? 10 DG  A N7    1 
ATOM   195 C  C5    . DG  A 1 10 ? -12.594 -2.360  0.121   1.00 17.05 ? 10 DG  A C5    1 
ATOM   196 C  C6    . DG  A 1 10 ? -12.126 -1.975  -1.159  1.00 16.76 ? 10 DG  A C6    1 
ATOM   197 O  O6    . DG  A 1 10 ? -12.000 -2.708  -2.150  1.00 16.16 ? 10 DG  A O6    1 
ATOM   198 N  N1    . DG  A 1 10 ? -11.793 -0.613  -1.221  1.00 8.78  ? 10 DG  A N1    1 
ATOM   199 C  C2    . DG  A 1 10 ? -11.904 0.258   -0.173  1.00 9.55  ? 10 DG  A C2    1 
ATOM   200 N  N2    . DG  A 1 10 ? -11.544 1.537   -0.392  1.00 9.58  ? 10 DG  A N2    1 
ATOM   201 N  N3    . DG  A 1 10 ? -12.342 -0.081  1.035   1.00 11.76 ? 10 DG  A N3    1 
ATOM   202 C  C4    . DG  A 1 10 ? -12.661 -1.394  1.094   1.00 14.97 ? 10 DG  A C4    1 
ATOM   203 P  P     . DC  A 1 11 ? -15.088 0.530   6.999   1.00 20.12 ? 11 DC  A P     1 
ATOM   204 O  OP1   . DC  A 1 11 ? -14.264 0.416   8.154   1.00 32.09 ? 11 DC  A OP1   1 
ATOM   205 O  OP2   . DC  A 1 11 ? -16.475 0.252   6.797   1.00 26.90 ? 11 DC  A OP2   1 
ATOM   206 O  "O5'" . DC  A 1 11 ? -14.802 2.040   6.356   1.00 15.83 ? 11 DC  A "O5'" 1 
ATOM   207 C  "C5'" . DC  A 1 11 ? -13.453 2.520   6.427   1.00 10.07 ? 11 DC  A "C5'" 1 
ATOM   208 C  "C4'" . DC  A 1 11 ? -13.461 3.607   5.300   1.00 10.85 ? 11 DC  A "C4'" 1 
ATOM   209 O  "O4'" . DC  A 1 11 ? -13.459 2.941   4.006   1.00 12.48 ? 11 DC  A "O4'" 1 
ATOM   210 C  "C3'" . DC  A 1 11 ? -14.624 4.525   5.292   1.00 9.25  ? 11 DC  A "C3'" 1 
ATOM   211 O  "O3'" . DC  A 1 11 ? -14.124 5.840   5.049   1.00 10.50 ? 11 DC  A "O3'" 1 
ATOM   212 C  "C2'" . DC  A 1 11 ? -15.505 4.085   4.174   1.00 11.26 ? 11 DC  A "C2'" 1 
ATOM   213 C  "C1'" . DC  A 1 11 ? -14.474 3.558   3.192   1.00 10.98 ? 11 DC  A "C1'" 1 
ATOM   214 N  N1    . DC  A 1 11 ? -14.867 2.500   2.279   1.00 7.62  ? 11 DC  A N1    1 
ATOM   215 C  C2    . DC  A 1 11 ? -14.578 2.570   0.916   1.00 8.59  ? 11 DC  A C2    1 
ATOM   216 O  O2    . DC  A 1 11 ? -13.971 3.530   0.410   1.00 10.75 ? 11 DC  A O2    1 
ATOM   217 N  N3    . DC  A 1 11 ? -14.967 1.556   0.115   1.00 7.16  ? 11 DC  A N3    1 
ATOM   218 C  C4    . DC  A 1 11 ? -15.621 0.498   0.608   1.00 10.37 ? 11 DC  A C4    1 
ATOM   219 N  N4    . DC  A 1 11 ? -15.982 -0.472  -0.229  1.00 6.61  ? 11 DC  A N4    1 
ATOM   220 C  C5    . DC  A 1 11 ? -15.937 0.396   1.998   1.00 9.05  ? 11 DC  A C5    1 
ATOM   221 C  C6    . DC  A 1 11 ? -15.544 1.404   2.774   1.00 13.98 ? 11 DC  A C6    1 
ATOM   222 P  P     . DG  A 1 12 ? -14.979 7.154   4.870   1.00 9.74  ? 12 DG  A P     1 
ATOM   223 O  OP1   . DG  A 1 12 ? -14.176 8.247   5.393   1.00 11.80 ? 12 DG  A OP1   1 
ATOM   224 O  OP2   . DG  A 1 12 ? -16.354 6.951   5.244   1.00 8.57  ? 12 DG  A OP2   1 
ATOM   225 O  "O5'" . DG  A 1 12 ? -14.958 7.323   3.219   1.00 8.34  ? 12 DG  A "O5'" 1 
ATOM   226 C  "C5'" . DG  A 1 12 ? -13.734 7.676   2.579   1.00 10.04 ? 12 DG  A "C5'" 1 
ATOM   227 C  "C4'" . DG  A 1 12 ? -14.189 8.507   1.338   1.00 14.32 ? 12 DG  A "C4'" 1 
ATOM   228 O  "O4'" . DG  A 1 12 ? -14.752 7.663   0.293   1.00 11.67 ? 12 DG  A "O4'" 1 
ATOM   229 C  "C3'" . DG  A 1 12 ? -15.231 9.537   1.643   1.00 11.49 ? 12 DG  A "C3'" 1 
ATOM   230 O  "O3'" . DG  A 1 12 ? -14.951 10.670  0.804   1.00 9.76  ? 12 DG  A "O3'" 1 
ATOM   231 C  "C2'" . DG  A 1 12 ? -16.511 8.844   1.345   1.00 7.26  ? 12 DG  A "C2'" 1 
ATOM   232 C  "C1'" . DG  A 1 12 ? -16.168 7.903   0.227   1.00 7.66  ? 12 DG  A "C1'" 1 
ATOM   233 N  N9    . DG  A 1 12 ? -16.707 6.518   0.268   1.00 7.54  ? 12 DG  A N9    1 
ATOM   234 C  C8    . DG  A 1 12 ? -16.988 5.814   1.424   1.00 11.62 ? 12 DG  A C8    1 
ATOM   235 N  N7    . DG  A 1 12 ? -17.452 4.617   1.200   1.00 6.49  ? 12 DG  A N7    1 
ATOM   236 C  C5    . DG  A 1 12 ? -17.474 4.538   -0.191  1.00 4.37  ? 12 DG  A C5    1 
ATOM   237 C  C6    . DG  A 1 12 ? -17.881 3.479   -1.034  1.00 8.13  ? 12 DG  A C6    1 
ATOM   238 O  O6    . DG  A 1 12 ? -18.315 2.368   -0.683  1.00 10.28 ? 12 DG  A O6    1 
ATOM   239 N  N1    . DG  A 1 12 ? -17.748 3.807   -2.373  1.00 7.18  ? 12 DG  A N1    1 
ATOM   240 C  C2    . DG  A 1 12 ? -17.279 5.002   -2.870  1.00 8.42  ? 12 DG  A C2    1 
ATOM   241 N  N2    . DG  A 1 12 ? -17.234 5.102   -4.208  1.00 7.73  ? 12 DG  A N2    1 
ATOM   242 N  N3    . DG  A 1 12 ? -16.894 6.002   -2.091  1.00 6.28  ? 12 DG  A N3    1 
ATOM   243 C  C4    . DG  A 1 12 ? -17.017 5.704   -0.777  1.00 4.09  ? 12 DG  A C4    1 
ATOM   244 O  "O5'" . DC  B 1 1  ? -20.759 -1.875  -8.934  1.00 37.89 ? 13 DC  B "O5'" 1 
ATOM   245 C  "C5'" . DC  B 1 1  ? -21.052 -0.615  -9.532  1.00 16.99 ? 13 DC  B "C5'" 1 
ATOM   246 C  "C4'" . DC  B 1 1  ? -20.009 0.492   -9.435  1.00 16.48 ? 13 DC  B "C4'" 1 
ATOM   247 O  "O4'" . DC  B 1 1  ? -19.996 0.692   -8.002  1.00 14.08 ? 13 DC  B "O4'" 1 
ATOM   248 C  "C3'" . DC  B 1 1  ? -18.722 0.092   -9.968  1.00 14.31 ? 13 DC  B "C3'" 1 
ATOM   249 O  "O3'" . DC  B 1 1  ? -18.397 1.241   -10.756 1.00 13.79 ? 13 DC  B "O3'" 1 
ATOM   250 C  "C2'" . DC  B 1 1  ? -17.853 0.013   -8.723  1.00 14.64 ? 13 DC  B "C2'" 1 
ATOM   251 C  "C1'" . DC  B 1 1  ? -18.544 0.988   -7.784  1.00 13.26 ? 13 DC  B "C1'" 1 
ATOM   252 N  N1    . DC  B 1 1  ? -18.415 0.683   -6.348  1.00 10.94 ? 13 DC  B N1    1 
ATOM   253 C  C2    . DC  B 1 1  ? -18.070 1.716   -5.468  1.00 10.64 ? 13 DC  B C2    1 
ATOM   254 O  O2    . DC  B 1 1  ? -17.867 2.848   -5.924  1.00 11.29 ? 13 DC  B O2    1 
ATOM   255 N  N3    . DC  B 1 1  ? -17.970 1.453   -4.147  1.00 11.80 ? 13 DC  B N3    1 
ATOM   256 C  C4    . DC  B 1 1  ? -18.196 0.217   -3.693  1.00 11.54 ? 13 DC  B C4    1 
ATOM   257 N  N4    . DC  B 1 1  ? -18.092 0.009   -2.377  1.00 10.58 ? 13 DC  B N4    1 
ATOM   258 C  C5    . DC  B 1 1  ? -18.540 -0.855  -4.569  1.00 10.48 ? 13 DC  B C5    1 
ATOM   259 C  C6    . DC  B 1 1  ? -18.637 -0.580  -5.874  1.00 9.56  ? 13 DC  B C6    1 
ATOM   260 P  P     . DG  B 1 2  ? -17.075 1.128   -11.750 1.00 16.81 ? 14 DG  B P     1 
ATOM   261 O  OP1   . DG  B 1 2  ? -17.479 1.930   -12.877 1.00 19.84 ? 14 DG  B OP1   1 
ATOM   262 O  OP2   . DG  B 1 2  ? -16.568 -0.218  -11.739 1.00 16.61 ? 14 DG  B OP2   1 
ATOM   263 O  "O5'" . DG  B 1 2  ? -15.962 2.021   -10.898 1.00 12.37 ? 14 DG  B "O5'" 1 
ATOM   264 C  "C5'" . DG  B 1 2  ? -16.333 3.373   -10.622 1.00 13.44 ? 14 DG  B "C5'" 1 
ATOM   265 C  "C4'" . DG  B 1 2  ? -15.221 3.770   -9.585  1.00 11.13 ? 14 DG  B "C4'" 1 
ATOM   266 O  "O4'" . DG  B 1 2  ? -15.464 3.068   -8.338  1.00 12.65 ? 14 DG  B "O4'" 1 
ATOM   267 C  "C3'" . DG  B 1 2  ? -13.821 3.446   -9.963  1.00 12.35 ? 14 DG  B "C3'" 1 
ATOM   268 O  "O3'" . DG  B 1 2  ? -13.179 4.713   -10.165 1.00 15.59 ? 14 DG  B "O3'" 1 
ATOM   269 C  "C2'" . DG  B 1 2  ? -13.219 2.691   -8.832  1.00 10.85 ? 14 DG  B "C2'" 1 
ATOM   270 C  "C1'" . DG  B 1 2  ? -14.178 2.930   -7.702  1.00 8.23  ? 14 DG  B "C1'" 1 
ATOM   271 N  N9    . DG  B 1 2  ? -14.376 1.863   -6.693  1.00 10.00 ? 14 DG  B N9    1 
ATOM   272 C  C8    . DG  B 1 2  ? -14.579 0.538   -6.992  1.00 9.64  ? 14 DG  B C8    1 
ATOM   273 N  N7    . DG  B 1 2  ? -14.726 -0.199  -5.912  1.00 9.73  ? 14 DG  B N7    1 
ATOM   274 C  C5    . DG  B 1 2  ? -14.611 0.705   -4.854  1.00 7.98  ? 14 DG  B C5    1 
ATOM   275 C  C6    . DG  B 1 2  ? -14.682 0.494   -3.459  1.00 10.28 ? 14 DG  B C6    1 
ATOM   276 O  O6    . DG  B 1 2  ? -14.868 -0.567  -2.864  1.00 11.91 ? 14 DG  B O6    1 
ATOM   277 N  N1    . DG  B 1 2  ? -14.515 1.666   -2.719  1.00 8.56  ? 14 DG  B N1    1 
ATOM   278 C  C2    . DG  B 1 2  ? -14.302 2.905   -3.281  1.00 6.03  ? 14 DG  B C2    1 
ATOM   279 N  N2    . DG  B 1 2  ? -14.164 3.917   -2.410  1.00 6.55  ? 14 DG  B N2    1 
ATOM   280 N  N3    . DG  B 1 2  ? -14.235 3.107   -4.583  1.00 8.46  ? 14 DG  B N3    1 
ATOM   281 C  C4    . DG  B 1 2  ? -14.394 1.982   -5.325  1.00 8.86  ? 14 DG  B C4    1 
ATOM   282 P  P     . DC  B 1 3  ? -11.644 4.947   -10.523 1.00 17.83 ? 15 DC  B P     1 
ATOM   283 O  OP1   . DC  B 1 3  ? -11.550 6.313   -10.989 1.00 19.09 ? 15 DC  B OP1   1 
ATOM   284 O  OP2   . DC  B 1 3  ? -11.149 3.768   -11.162 1.00 13.84 ? 15 DC  B OP2   1 
ATOM   285 O  "O5'" . DC  B 1 3  ? -10.966 4.962   -9.000  1.00 16.89 ? 15 DC  B "O5'" 1 
ATOM   286 C  "C5'" . DC  B 1 3  ? -11.424 6.008   -8.146  1.00 12.25 ? 15 DC  B "C5'" 1 
ATOM   287 C  "C4'" . DC  B 1 3  ? -10.908 5.563   -6.748  1.00 12.08 ? 15 DC  B "C4'" 1 
ATOM   288 O  "O4'" . DC  B 1 3  ? -11.480 4.263   -6.378  1.00 11.80 ? 15 DC  B "O4'" 1 
ATOM   289 C  "C3'" . DC  B 1 3  ? -9.447  5.324   -6.573  1.00 12.28 ? 15 DC  B "C3'" 1 
ATOM   290 O  "O3'" . DC  B 1 3  ? -8.803  6.603   -6.441  1.00 20.51 ? 15 DC  B "O3'" 1 
ATOM   291 C  "C2'" . DC  B 1 3  ? -9.365  4.495   -5.344  1.00 12.98 ? 15 DC  B "C2'" 1 
ATOM   292 C  "C1'" . DC  B 1 3  ? -10.752 3.893   -5.187  1.00 15.40 ? 15 DC  B "C1'" 1 
ATOM   293 N  N1    . DC  B 1 3  ? -10.864 2.441   -5.139  1.00 11.33 ? 15 DC  B N1    1 
ATOM   294 C  C2    . DC  B 1 3  ? -10.979 1.827   -3.891  1.00 8.00  ? 15 DC  B C2    1 
ATOM   295 O  O2    . DC  B 1 3  ? -10.982 2.560   -2.886  1.00 9.61  ? 15 DC  B O2    1 
ATOM   296 N  N3    . DC  B 1 3  ? -11.085 0.487   -3.817  1.00 7.58  ? 15 DC  B N3    1 
ATOM   297 C  C4    . DC  B 1 3  ? -11.076 -0.269  -4.912  1.00 9.42  ? 15 DC  B C4    1 
ATOM   298 N  N4    . DC  B 1 3  ? -11.182 -1.582  -4.748  1.00 12.90 ? 15 DC  B N4    1 
ATOM   299 C  C5    . DC  B 1 3  ? -10.956 0.318   -6.204  1.00 13.42 ? 15 DC  B C5    1 
ATOM   300 C  C6    . DC  B 1 3  ? -10.853 1.660   -6.271  1.00 16.44 ? 15 DC  B C6    1 
ATOM   301 P  P     . DG  B 1 4  ? -7.236  6.835   -6.624  1.00 18.27 ? 16 DG  B P     1 
ATOM   302 O  OP1   . DG  B 1 4  ? -7.031  8.201   -7.043  1.00 21.01 ? 16 DG  B OP1   1 
ATOM   303 O  OP2   . DG  B 1 4  ? -6.629  5.669   -7.180  1.00 15.93 ? 16 DG  B OP2   1 
ATOM   304 O  "O5'" . DG  B 1 4  ? -6.999  6.819   -4.985  1.00 14.02 ? 16 DG  B "O5'" 1 
ATOM   305 C  "C5'" . DG  B 1 4  ? -7.550  7.812   -4.123  1.00 11.67 ? 16 DG  B "C5'" 1 
ATOM   306 C  "C4'" . DG  B 1 4  ? -7.168  7.262   -2.704  1.00 15.77 ? 16 DG  B "C4'" 1 
ATOM   307 O  "O4'" . DG  B 1 4  ? -7.628  5.886   -2.588  1.00 10.94 ? 16 DG  B "O4'" 1 
ATOM   308 C  "C3'" . DG  B 1 4  ? -5.724  7.237   -2.380  1.00 16.15 ? 16 DG  B "C3'" 1 
ATOM   309 O  "O3'" . DG  B 1 4  ? -5.568  7.469   -0.980  1.00 14.48 ? 16 DG  B "O3'" 1 
ATOM   310 C  "C2'" . DG  B 1 4  ? -5.270  5.861   -2.726  1.00 9.17  ? 16 DG  B "C2'" 1 
ATOM   311 C  "C1'" . DG  B 1 4  ? -6.504  5.060   -2.292  1.00 11.56 ? 16 DG  B "C1'" 1 
ATOM   312 N  N9    . DG  B 1 4  ? -6.710  3.766   -2.975  1.00 8.18  ? 16 DG  B N9    1 
ATOM   313 C  C8    . DG  B 1 4  ? -6.417  3.460   -4.286  1.00 7.14  ? 16 DG  B C8    1 
ATOM   314 N  N7    . DG  B 1 4  ? -6.699  2.241   -4.629  1.00 9.78  ? 16 DG  B N7    1 
ATOM   315 C  C5    . DG  B 1 4  ? -7.218  1.692   -3.460  1.00 5.82  ? 16 DG  B C5    1 
ATOM   316 C  C6    . DG  B 1 4  ? -7.703  0.391   -3.203  1.00 5.36  ? 16 DG  B C6    1 
ATOM   317 O  O6    . DG  B 1 4  ? -7.769  -0.562  -3.992  1.00 10.62 ? 16 DG  B O6    1 
ATOM   318 N  N1    . DG  B 1 4  ? -8.135  0.253   -1.893  1.00 7.19  ? 16 DG  B N1    1 
ATOM   319 C  C2    . DG  B 1 4  ? -8.103  1.244   -0.943  1.00 10.02 ? 16 DG  B C2    1 
ATOM   320 N  N2    . DG  B 1 4  ? -8.572  0.903   0.278   1.00 7.58  ? 16 DG  B N2    1 
ATOM   321 N  N3    . DG  B 1 4  ? -7.653  2.461   -1.173  1.00 6.45  ? 16 DG  B N3    1 
ATOM   322 C  C4    . DG  B 1 4  ? -7.230  2.617   -2.439  1.00 2.86  ? 16 DG  B C4    1 
ATOM   323 P  P     . DA  B 1 5  ? -4.379  8.370   -0.458  1.00 16.50 ? 17 DA  B P     1 
ATOM   324 O  OP1   . DA  B 1 5  ? -4.816  9.732   -0.583  1.00 22.35 ? 17 DA  B OP1   1 
ATOM   325 O  OP2   . DA  B 1 5  ? -3.139  7.816   -0.934  1.00 19.16 ? 17 DA  B OP2   1 
ATOM   326 O  "O5'" . DA  B 1 5  ? -4.569  7.871   1.106   1.00 13.15 ? 17 DA  B "O5'" 1 
ATOM   327 C  "C5'" . DA  B 1 5  ? -5.790  8.226   1.767   1.00 14.34 ? 17 DA  B "C5'" 1 
ATOM   328 C  "C4'" . DA  B 1 5  ? -5.817  7.191   2.948   1.00 14.22 ? 17 DA  B "C4'" 1 
ATOM   329 O  "O4'" . DA  B 1 5  ? -6.125  5.892   2.371   1.00 14.61 ? 17 DA  B "O4'" 1 
ATOM   330 C  "C3'" . DA  B 1 5  ? -4.568  7.061   3.728   1.00 21.04 ? 17 DA  B "C3'" 1 
ATOM   331 O  "O3'" . DA  B 1 5  ? -4.871  6.856   5.110   1.00 14.12 ? 17 DA  B "O3'" 1 
ATOM   332 C  "C2'" . DA  B 1 5  ? -3.886  5.842   3.208   1.00 19.79 ? 17 DA  B "C2'" 1 
ATOM   333 C  "C1'" . DA  B 1 5  ? -5.042  5.013   2.712   1.00 26.11 ? 17 DA  B "C1'" 1 
ATOM   334 N  N9    . DA  B 1 5  ? -4.700  4.228   1.508   1.00 20.74 ? 17 DA  B N9    1 
ATOM   335 C  C8    . DA  B 1 5  ? -4.011  4.744   0.438   1.00 15.53 ? 17 DA  B C8    1 
ATOM   336 N  N7    . DA  B 1 5  ? -3.814  3.870   -0.521  1.00 9.46  ? 17 DA  B N7    1 
ATOM   337 C  C5    . DA  B 1 5  ? -4.410  2.712   -0.046  1.00 9.56  ? 17 DA  B C5    1 
ATOM   338 C  C6    . DA  B 1 5  ? -4.543  1.420   -0.598  1.00 16.24 ? 17 DA  B C6    1 
ATOM   339 N  N6    . DA  B 1 5  ? -4.051  1.114   -1.799  1.00 10.18 ? 17 DA  B N6    1 
ATOM   340 N  N1    . DA  B 1 5  ? -5.184  0.479   0.108   1.00 13.87 ? 17 DA  B N1    1 
ATOM   341 C  C2    . DA  B 1 5  ? -5.675  0.812   1.320   1.00 20.99 ? 17 DA  B C2    1 
ATOM   342 N  N3    . DA  B 1 5  ? -5.607  1.996   1.937   1.00 11.89 ? 17 DA  B N3    1 
ATOM   343 C  C4    . DA  B 1 5  ? -4.963  2.911   1.206   1.00 14.34 ? 17 DA  B C4    1 
ATOM   344 P  P     . DA  B 1 6  ? -3.684  6.913   6.185   1.00 21.27 ? 18 DA  B P     1 
ATOM   345 O  OP1   . DA  B 1 6  ? -4.305  7.485   7.352   1.00 21.61 ? 18 DA  B OP1   1 
ATOM   346 O  OP2   . DA  B 1 6  ? -2.484  7.331   5.515   1.00 32.68 ? 18 DA  B OP2   1 
ATOM   347 O  "O5'" . DA  B 1 6  ? -3.456  5.299   6.469   1.00 11.89 ? 18 DA  B "O5'" 1 
ATOM   348 C  "C5'" . DA  B 1 6  ? -4.610  4.595   6.911   1.00 13.52 ? 18 DA  B "C5'" 1 
ATOM   349 C  "C4'" . DA  B 1 6  ? -4.002  3.158   7.093   1.00 9.70  ? 18 DA  B "C4'" 1 
ATOM   350 O  "O4'" . DA  B 1 6  ? -3.901  2.536   5.788   1.00 13.18 ? 18 DA  B "O4'" 1 
ATOM   351 C  "C3'" . DA  B 1 6  ? -2.649  3.091   7.707   1.00 12.40 ? 18 DA  B "C3'" 1 
ATOM   352 O  "O3'" . DA  B 1 6  ? -2.677  2.041   8.682   1.00 12.67 ? 18 DA  B "O3'" 1 
ATOM   353 C  "C2'" . DA  B 1 6  ? -1.695  2.771   6.609   1.00 10.76 ? 18 DA  B "C2'" 1 
ATOM   354 C  "C1'" . DA  B 1 6  ? -2.575  2.007   5.650   1.00 8.37  ? 18 DA  B "C1'" 1 
ATOM   355 N  N9    . DA  B 1 6  ? -2.178  2.155   4.245   1.00 8.54  ? 18 DA  B N9    1 
ATOM   356 C  C8    . DA  B 1 6  ? -1.742  3.343   3.687   1.00 14.87 ? 18 DA  B C8    1 
ATOM   357 N  N7    . DA  B 1 6  ? -1.439  3.244   2.414   1.00 12.18 ? 18 DA  B N7    1 
ATOM   358 C  C5    . DA  B 1 6  ? -1.693  1.906   2.122   1.00 8.08  ? 18 DA  B C5    1 
ATOM   359 C  C6    . DA  B 1 6  ? -1.576  1.154   0.947   1.00 12.55 ? 18 DA  B C6    1 
ATOM   360 N  N6    . DA  B 1 6  ? -1.154  1.631   -0.233  1.00 11.21 ? 18 DA  B N6    1 
ATOM   361 N  N1    . DA  B 1 6  ? -1.914  -0.139  1.039   1.00 9.80  ? 18 DA  B N1    1 
ATOM   362 C  C2    . DA  B 1 6  ? -2.340  -0.675  2.178   1.00 10.25 ? 18 DA  B C2    1 
ATOM   363 N  N3    . DA  B 1 6  ? -2.495  -0.068  3.354   1.00 6.08  ? 18 DA  B N3    1 
ATOM   364 C  C4    . DA  B 1 6  ? -2.144  1.224   3.233   1.00 4.84  ? 18 DA  B C4    1 
ATOM   365 P  P     . DT  B 1 7  ? -1.444  1.568   9.586   1.00 15.24 ? 19 DT  B P     1 
ATOM   366 O  OP1   . DT  B 1 7  ? -1.991  1.016   10.787  1.00 13.43 ? 19 DT  B OP1   1 
ATOM   367 O  OP2   . DT  B 1 7  ? -0.415  2.586   9.486   1.00 15.43 ? 19 DT  B OP2   1 
ATOM   368 O  "O5'" . DT  B 1 7  ? -0.889  0.260   8.667   1.00 12.43 ? 19 DT  B "O5'" 1 
ATOM   369 C  "C5'" . DT  B 1 7  ? -1.718  -0.883  8.483   1.00 4.51  ? 19 DT  B "C5'" 1 
ATOM   370 C  "C4'" . DT  B 1 7  ? -0.931  -1.841  7.527   1.00 8.84  ? 19 DT  B "C4'" 1 
ATOM   371 O  "O4'" . DT  B 1 7  ? -0.773  -1.169  6.233   1.00 8.15  ? 19 DT  B "O4'" 1 
ATOM   372 C  "C3'" . DT  B 1 7  ? 0.432   -2.258  7.951   1.00 9.41  ? 19 DT  B "C3'" 1 
ATOM   373 O  "O3'" . DT  B 1 7  ? 0.438   -3.676  8.220   1.00 7.81  ? 19 DT  B "O3'" 1 
ATOM   374 C  "C2'" . DT  B 1 7  ? 1.346   -1.949  6.810   1.00 7.24  ? 19 DT  B "C2'" 1 
ATOM   375 C  "C1'" . DT  B 1 7  ? 0.422   -1.694  5.649   1.00 8.02  ? 19 DT  B "C1'" 1 
ATOM   376 N  N1    . DT  B 1 7  ? 0.805   -0.674  4.642   1.00 6.83  ? 19 DT  B N1    1 
ATOM   377 C  C2    . DT  B 1 7  ? 0.940   -1.044  3.332   1.00 8.87  ? 19 DT  B C2    1 
ATOM   378 O  O2    . DT  B 1 7  ? 0.752   -2.191  2.945   1.00 10.15 ? 19 DT  B O2    1 
ATOM   379 N  N3    . DT  B 1 7  ? 1.301   -0.019  2.507   1.00 5.43  ? 19 DT  B N3    1 
ATOM   380 C  C4    . DT  B 1 7  ? 1.534   1.297   2.838   1.00 9.44  ? 19 DT  B C4    1 
ATOM   381 O  O4    . DT  B 1 7  ? 1.850   2.089   1.955   1.00 7.97  ? 19 DT  B O4    1 
ATOM   382 C  C5    . DT  B 1 7  ? 1.380   1.627   4.236   1.00 9.90  ? 19 DT  B C5    1 
ATOM   383 C  C7    . DT  B 1 7  ? 1.611   3.031   4.729   1.00 7.87  ? 19 DT  B C7    1 
ATOM   384 C  C6    . DT  B 1 7  ? 1.027   0.624   5.047   1.00 9.06  ? 19 DT  B C6    1 
ATOM   385 P  P     . DT  B 1 8  ? 1.739   -4.374  8.840   1.00 8.76  ? 20 DT  B P     1 
ATOM   386 O  OP1   . DT  B 1 8  ? 1.302   -5.678  9.341   1.00 12.01 ? 20 DT  B OP1   1 
ATOM   387 O  OP2   . DT  B 1 8  ? 2.473   -3.399  9.595   1.00 7.86  ? 20 DT  B OP2   1 
ATOM   388 O  "O5'" . DT  B 1 8  ? 2.643   -4.725  7.492   1.00 7.43  ? 20 DT  B "O5'" 1 
ATOM   389 C  "C5'" . DT  B 1 8  ? 2.006   -5.683  6.640   1.00 6.51  ? 20 DT  B "C5'" 1 
ATOM   390 C  "C4'" . DT  B 1 8  ? 2.967   -5.736  5.393   1.00 10.19 ? 20 DT  B "C4'" 1 
ATOM   391 O  "O4'" . DT  B 1 8  ? 2.973   -4.428  4.748   1.00 7.44  ? 20 DT  B "O4'" 1 
ATOM   392 C  "C3'" . DT  B 1 8  ? 4.383   -6.070  5.658   1.00 11.85 ? 20 DT  B "C3'" 1 
ATOM   393 O  "O3'" . DT  B 1 8  ? 4.656   -7.340  5.052   1.00 8.56  ? 20 DT  B "O3'" 1 
ATOM   394 C  "C2'" . DT  B 1 8  ? 5.220   -5.007  5.015   1.00 9.66  ? 20 DT  B "C2'" 1 
ATOM   395 C  "C1'" . DT  B 1 8  ? 4.235   -4.330  4.078   1.00 5.91  ? 20 DT  B "C1'" 1 
ATOM   396 N  N1    . DT  B 1 8  ? 4.405   -2.891  3.806   1.00 5.87  ? 20 DT  B N1    1 
ATOM   397 C  C2    . DT  B 1 8  ? 4.562   -2.459  2.509   1.00 6.88  ? 20 DT  B C2    1 
ATOM   398 O  O2    . DT  B 1 8  ? 4.558   -3.242  1.570   1.00 9.46  ? 20 DT  B O2    1 
ATOM   399 N  N3    . DT  B 1 8  ? 4.714   -1.112  2.336   1.00 6.54  ? 20 DT  B N3    1 
ATOM   400 C  C4    . DT  B 1 8  ? 4.732   -0.154  3.335   1.00 8.31  ? 20 DT  B C4    1 
ATOM   401 O  O4    . DT  B 1 8  ? 4.876   1.036   3.092   1.00 7.62  ? 20 DT  B O4    1 
ATOM   402 C  C5    . DT  B 1 8  ? 4.566   -0.685  4.661   1.00 5.39  ? 20 DT  B C5    1 
ATOM   403 C  C7    . DT  B 1 8  ? 4.568   0.275   5.825   1.00 10.24 ? 20 DT  B C7    1 
ATOM   404 C  C6    . DT  B 1 8  ? 4.413   -1.995  4.848   1.00 4.33  ? 20 DT  B C6    1 
ATOM   405 P  P     . DC  B 1 9  ? 6.047   -8.113  5.046   1.00 9.61  ? 21 DC  B P     1 
ATOM   406 O  OP1   . DC  B 1 9  ? 5.671   -9.535  4.948   1.00 9.52  ? 21 DC  B OP1   1 
ATOM   407 O  OP2   . DC  B 1 9  ? 6.858   -7.625  6.142   1.00 8.66  ? 21 DC  B OP2   1 
ATOM   408 O  "O5'" . DC  B 1 9  ? 6.820   -7.717  3.658   1.00 8.43  ? 21 DC  B "O5'" 1 
ATOM   409 C  "C5'" . DC  B 1 9  ? 6.102   -8.033  2.478   1.00 7.78  ? 21 DC  B "C5'" 1 
ATOM   410 C  "C4'" . DC  B 1 9  ? 7.085   -7.466  1.376   1.00 6.28  ? 21 DC  B "C4'" 1 
ATOM   411 O  "O4'" . DC  B 1 9  ? 7.019   -6.024  1.364   1.00 9.49  ? 21 DC  B "O4'" 1 
ATOM   412 C  "C3'" . DC  B 1 9  ? 8.522   -7.794  1.544   1.00 6.56  ? 21 DC  B "C3'" 1 
ATOM   413 O  "O3'" . DC  B 1 9  ? 8.914   -8.403  0.311   1.00 10.45 ? 21 DC  B "O3'" 1 
ATOM   414 C  "C2'" . DC  B 1 9  ? 9.260   -6.527  1.763   1.00 9.08  ? 21 DC  B "C2'" 1 
ATOM   415 C  "C1'" . DC  B 1 9  ? 8.341   -5.499  1.149   1.00 7.51  ? 21 DC  B "C1'" 1 
ATOM   416 N  N1    . DC  B 1 9  ? 8.259   -4.169  1.745   1.00 6.95  ? 21 DC  B N1    1 
ATOM   417 C  C2    . DC  B 1 9  ? 8.330   -3.046  0.919   1.00 9.25  ? 21 DC  B C2    1 
ATOM   418 O  O2    . DC  B 1 9  ? 8.462   -3.216  -0.303  1.00 9.46  ? 21 DC  B O2    1 
ATOM   419 N  N3    . DC  B 1 9  ? 8.259   -1.797  1.446   1.00 10.80 ? 21 DC  B N3    1 
ATOM   420 C  C4    . DC  B 1 9  ? 8.118   -1.663  2.771   1.00 7.64  ? 21 DC  B C4    1 
ATOM   421 N  N4    . DC  B 1 9  ? 8.046   -0.426  3.281   1.00 8.33  ? 21 DC  B N4    1 
ATOM   422 C  C5    . DC  B 1 9  ? 8.041   -2.798  3.639   1.00 10.99 ? 21 DC  B C5    1 
ATOM   423 C  C6    . DC  B 1 9  ? 8.115   -4.022  3.101   1.00 6.72  ? 21 DC  B C6    1 
ATOM   424 P  P     . DG  B 1 10 ? 10.325  -8.917  -0.175  1.00 12.68 ? 22 DG  B P     1 
ATOM   425 O  OP1   . DG  B 1 10 ? 10.020  -9.975  -1.120  1.00 17.65 ? 22 DG  B OP1   1 
ATOM   426 O  OP2   . DG  B 1 10 ? 11.170  -9.047  0.985   1.00 15.76 ? 22 DG  B OP2   1 
ATOM   427 O  "O5'" . DG  B 1 10 ? 10.918  -7.640  -1.058  1.00 11.74 ? 22 DG  B "O5'" 1 
ATOM   428 C  "C5'" . DG  B 1 10 ? 10.176  -7.373  -2.248  1.00 14.08 ? 22 DG  B "C5'" 1 
ATOM   429 C  "C4'" . DG  B 1 10 ? 11.162  -6.486  -3.082  1.00 12.85 ? 22 DG  B "C4'" 1 
ATOM   430 O  "O4'" . DG  B 1 10 ? 11.267  -5.182  -2.453  1.00 15.88 ? 22 DG  B "O4'" 1 
ATOM   431 C  "C3'" . DG  B 1 10 ? 12.559  -6.981  -3.216  1.00 8.28  ? 22 DG  B "C3'" 1 
ATOM   432 O  "O3'" . DG  B 1 10 ? 13.017  -6.570  -4.505  1.00 13.39 ? 22 DG  B "O3'" 1 
ATOM   433 C  "C2'" . DG  B 1 10 ? 13.312  -6.329  -2.110  1.00 6.37  ? 22 DG  B "C2'" 1 
ATOM   434 C  "C1'" . DG  B 1 10 ? 12.604  -5.001  -1.954  1.00 12.48 ? 22 DG  B "C1'" 1 
ATOM   435 N  N9    . DG  B 1 10 ? 12.342  -4.456  -0.600  1.00 8.64  ? 22 DG  B N9    1 
ATOM   436 C  C8    . DG  B 1 10 ? 12.249  -5.119  0.590   1.00 10.50 ? 22 DG  B C8    1 
ATOM   437 N  N7    . DG  B 1 10 ? 12.009  -4.353  1.613   1.00 9.77  ? 22 DG  B N7    1 
ATOM   438 C  C5    . DG  B 1 10 ? 11.933  -3.069  1.064   1.00 8.69  ? 22 DG  B C5    1 
ATOM   439 C  C6    . DG  B 1 10 ? 11.694  -1.805  1.669   1.00 12.38 ? 22 DG  B C6    1 
ATOM   440 O  O6    . DG  B 1 10 ? 11.488  -1.531  2.867   1.00 11.96 ? 22 DG  B O6    1 
ATOM   441 N  N1    . DG  B 1 10 ? 11.702  -0.755  0.752   1.00 9.62  ? 22 DG  B N1    1 
ATOM   442 C  C2    . DG  B 1 10 ? 11.919  -0.921  -0.605  1.00 10.99 ? 22 DG  B C2    1 
ATOM   443 N  N2    . DG  B 1 10 ? 11.896  0.193   -1.363  1.00 8.20  ? 22 DG  B N2    1 
ATOM   444 N  N3    . DG  B 1 10 ? 12.141  -2.091  -1.170  1.00 9.46  ? 22 DG  B N3    1 
ATOM   445 C  C4    . DG  B 1 10 ? 12.138  -3.121  -0.297  1.00 12.30 ? 22 DG  B C4    1 
ATOM   446 P  P     . DC  B 1 11 ? 14.461  -6.685  -5.166  1.00 11.64 ? 23 DC  B P     1 
ATOM   447 O  OP1   . DC  B 1 11 ? 14.197  -6.787  -6.579  1.00 11.43 ? 23 DC  B OP1   1 
ATOM   448 O  OP2   . DC  B 1 11 ? 15.284  -7.520  -4.337  1.00 13.44 ? 23 DC  B OP2   1 
ATOM   449 O  "O5'" . DC  B 1 11 ? 14.997  -5.123  -4.923  1.00 8.34  ? 23 DC  B "O5'" 1 
ATOM   450 C  "C5'" . DC  B 1 11 ? 14.314  -4.141  -5.704  1.00 5.62  ? 23 DC  B "C5'" 1 
ATOM   451 C  "C4'" . DC  B 1 11 ? 15.017  -2.809  -5.272  1.00 6.27  ? 23 DC  B "C4'" 1 
ATOM   452 O  "O4'" . DC  B 1 11 ? 14.691  -2.559  -3.863  1.00 8.84  ? 23 DC  B "O4'" 1 
ATOM   453 C  "C3'" . DC  B 1 11 ? 16.494  -2.762  -5.373  1.00 13.20 ? 23 DC  B "C3'" 1 
ATOM   454 O  "O3'" . DC  B 1 11 ? 16.903  -1.477  -5.853  1.00 11.58 ? 23 DC  B "O3'" 1 
ATOM   455 C  "C2'" . DC  B 1 11 ? 16.990  -2.967  -3.971  1.00 7.37  ? 23 DC  B "C2'" 1 
ATOM   456 C  "C1'" . DC  B 1 11 ? 15.927  -2.157  -3.248  1.00 6.60  ? 23 DC  B "C1'" 1 
ATOM   457 N  N1    . DC  B 1 11 ? 15.736  -2.404  -1.830  1.00 9.93  ? 23 DC  B N1    1 
ATOM   458 C  C2    . DC  B 1 11 ? 15.454  -1.309  -1.005  1.00 8.59  ? 23 DC  B C2    1 
ATOM   459 O  O2    . DC  B 1 11 ? 15.381  -0.186  -1.535  1.00 6.68  ? 23 DC  B O2    1 
ATOM   460 N  N3    . DC  B 1 11 ? 15.277  -1.521  0.318   1.00 7.78  ? 23 DC  B N3    1 
ATOM   461 C  C4    . DC  B 1 11 ? 15.369  -2.758  0.806   1.00 10.28 ? 23 DC  B C4    1 
ATOM   462 N  N4    . DC  B 1 11 ? 15.188  -2.943  2.116   1.00 8.32  ? 23 DC  B N4    1 
ATOM   463 C  C5    . DC  B 1 11 ? 15.655  -3.890  -0.011  1.00 9.29  ? 23 DC  B C5    1 
ATOM   464 C  C6    . DC  B 1 11 ? 15.831  -3.667  -1.315  1.00 13.11 ? 23 DC  B C6    1 
ATOM   465 P  P     . DG  B 1 12 ? 17.253  -1.151  -7.365  1.00 13.39 ? 24 DG  B P     1 
ATOM   466 O  OP1   . DG  B 1 12 ? 16.005  -0.888  -8.034  1.00 12.63 ? 24 DG  B OP1   1 
ATOM   467 O  OP2   . DG  B 1 12 ? 18.278  -2.066  -7.787  1.00 15.17 ? 24 DG  B OP2   1 
ATOM   468 O  "O5'" . DG  B 1 12 ? 17.956  0.322   -7.113  1.00 12.47 ? 24 DG  B "O5'" 1 
ATOM   469 C  "C5'" . DG  B 1 12 ? 19.298  0.392   -6.650  1.00 6.00  ? 24 DG  B "C5'" 1 
ATOM   470 C  "C4'" . DG  B 1 12 ? 19.304  1.697   -5.786  1.00 8.12  ? 24 DG  B "C4'" 1 
ATOM   471 O  "O4'" . DG  B 1 12 ? 18.307  1.609   -4.734  1.00 8.86  ? 24 DG  B "O4'" 1 
ATOM   472 C  "C3'" . DG  B 1 12 ? 20.573  2.001   -5.080  1.00 9.57  ? 24 DG  B "C3'" 1 
ATOM   473 O  "O3'" . DG  B 1 12 ? 21.423  2.684   -6.002  1.00 9.95  ? 24 DG  B "O3'" 1 
ATOM   474 C  "C2'" . DG  B 1 12 ? 20.160  2.863   -3.926  1.00 7.30  ? 24 DG  B "C2'" 1 
ATOM   475 C  "C1'" . DG  B 1 12 ? 18.837  2.232   -3.548  1.00 6.66  ? 24 DG  B "C1'" 1 
ATOM   476 N  N9    . DG  B 1 12 ? 18.808  1.114   -2.566  1.00 9.27  ? 24 DG  B N9    1 
ATOM   477 C  C8    . DG  B 1 12 ? 18.825  -0.239  -2.806  1.00 7.53  ? 24 DG  B C8    1 
ATOM   478 N  N7    . DG  B 1 12 ? 18.787  -0.940  -1.695  1.00 10.21 ? 24 DG  B N7    1 
ATOM   479 C  C5    . DG  B 1 12 ? 18.743  -0.003  -0.674  1.00 8.62  ? 24 DG  B C5    1 
ATOM   480 C  C6    . DG  B 1 12 ? 18.690  -0.155  0.732   1.00 9.98  ? 24 DG  B C6    1 
ATOM   481 O  O6    . DG  B 1 12 ? 18.671  -1.193  1.420   1.00 10.92 ? 24 DG  B O6    1 
ATOM   482 N  N1    . DG  B 1 12 ? 18.659  1.077   1.363   1.00 8.22  ? 24 DG  B N1    1 
ATOM   483 C  C2    . DG  B 1 12 ? 18.675  2.310   0.757   1.00 7.28  ? 24 DG  B C2    1 
ATOM   484 N  N2    . DG  B 1 12 ? 18.638  3.367   1.579   1.00 7.32  ? 24 DG  B N2    1 
ATOM   485 N  N3    . DG  B 1 12 ? 18.724  2.467   -0.554  1.00 5.87  ? 24 DG  B N3    1 
ATOM   486 C  C4    . DG  B 1 12 ? 18.754  1.280   -1.196  1.00 7.88  ? 24 DG  B C4    1 
HETATM 487 C  CYT   . IB  C 2 .  ? 7.091   -5.571  -3.416  1.00 10.27 ? 25 IB  A CYT   1 
HETATM 488 C  C1    . IB  C 2 .  ? 5.037   -6.254  -1.330  1.00 7.72  ? 25 IB  A C1    1 
HETATM 489 C  C2    . IB  C 2 .  ? 6.533   -4.629  -2.468  1.00 9.77  ? 25 IB  A C2    1 
HETATM 490 C  C3    . IB  C 2 .  ? 5.536   -4.965  -1.452  1.00 10.55 ? 25 IB  A C3    1 
HETATM 491 C  C4    . IB  C 2 .  ? 6.462   -6.928  -3.161  1.00 6.34  ? 25 IB  A C4    1 
HETATM 492 C  C5    . IB  C 2 .  ? 5.487   -7.251  -2.171  1.00 10.62 ? 25 IB  A C5    1 
HETATM 493 O  O     . IB  C 2 .  ? 8.097   -5.007  -4.353  1.00 18.11 ? 25 IB  A O     1 
HETATM 494 C  C6    . IB  C 2 .  ? 4.041   -6.489  -0.365  1.00 6.62  ? 25 IB  A C6    1 
HETATM 495 C  C7    . IB  C 2 .  ? 2.396   -6.093  0.996   1.00 5.39  ? 25 IB  A C7    1 
HETATM 496 C  C8    . IB  C 2 .  ? 2.739   -7.505  1.030   1.00 9.91  ? 25 IB  A C8    1 
HETATM 497 C  C9    . IB  C 2 .  ? 2.058   -8.456  1.924   1.00 9.51  ? 25 IB  A C9    1 
HETATM 498 C  C10   . IB  C 2 .  ? 1.011   -7.859  2.769   1.00 10.14 ? 25 IB  A C10   1 
HETATM 499 C  C11   . IB  C 2 .  ? 0.701   -6.436  2.701   1.00 7.33  ? 25 IB  A C11   1 
HETATM 500 C  C12   . IB  C 2 .  ? 1.372   -5.567  1.837   1.00 6.38  ? 25 IB  A C12   1 
HETATM 501 N  N1    . IB  C 2 .  ? 3.245   -5.507  0.116   1.00 9.03  ? 25 IB  A N1    1 
HETATM 502 N  N2    . IB  C 2 .  ? 3.755   -7.675  0.203   1.00 6.95  ? 25 IB  A N2    1 
HETATM 503 C  C13   . IB  C 2 .  ? -0.353  -5.871  3.426   1.00 9.24  ? 25 IB  A C13   1 
HETATM 504 C  C14   . IB  C 2 .  ? -1.944  -4.625  4.302   1.00 8.58  ? 25 IB  A C14   1 
HETATM 505 C  C15   . IB  C 2 .  ? -1.866  -5.846  5.037   1.00 12.70 ? 25 IB  A C15   1 
HETATM 506 C  C16   . IB  C 2 .  ? -2.785  -6.166  6.178   1.00 14.73 ? 25 IB  A C16   1 
HETATM 507 C  C17   . IB  C 2 .  ? -3.779  -5.144  6.504   1.00 12.47 ? 25 IB  A C17   1 
HETATM 508 C  C18   . IB  C 2 .  ? -3.844  -3.874  5.722   1.00 13.15 ? 25 IB  A C18   1 
HETATM 509 C  C19   . IB  C 2 .  ? -2.943  -3.617  4.637   1.00 13.64 ? 25 IB  A C19   1 
HETATM 510 N  N3    . IB  C 2 .  ? -0.981  -4.758  3.336   1.00 11.15 ? 25 IB  A N3    1 
HETATM 511 N  N4    . IB  C 2 .  ? -0.866  -6.553  4.516   1.00 9.32  ? 25 IB  A N4    1 
HETATM 512 N  N6    . IB  C 2 .  ? -4.841  -2.812  5.955   1.00 22.76 ? 25 IB  A N6    1 
HETATM 513 N  N7    . IB  C 2 .  ? -7.062  -1.051  5.750   1.00 31.30 ? 25 IB  A N7    1 
HETATM 514 C  C20   . IB  C 2 .  ? -4.935  -1.591  5.012   1.00 18.71 ? 25 IB  A C20   1 
HETATM 515 C  C21   . IB  C 2 .  ? -5.612  -0.546  5.923   1.00 29.70 ? 25 IB  A C21   1 
HETATM 516 C  C22   . IB  C 2 .  ? -7.021  -2.396  6.501   1.00 34.85 ? 25 IB  A C22   1 
HETATM 517 C  C23   . IB  C 2 .  ? -6.235  -3.382  5.620   1.00 35.83 ? 25 IB  A C23   1 
HETATM 518 C  C24   . IB  C 2 .  ? -8.121  -0.089  6.350   1.00 37.11 ? 25 IB  A C24   1 
HETATM 519 I  I     . IB  C 2 .  ? 7.144   -8.399  -4.430  1.00 18.61 ? 25 IB  A I     1 
HETATM 520 C  CN2   . IB  C 2 .  ? 9.135   -3.878  -4.332  1.00 24.41 ? 25 IB  A CN2   1 
HETATM 521 MG MG    . MG  D 3 .  ? -14.766 10.092  6.145   1.00 10.16 ? 26 MG  A MG    1 
HETATM 522 MG MG    . MG  E 3 .  ? -14.589 -8.114  4.407   1.00 14.92 ? 27 MG  A MG    1 
HETATM 523 O  O     . HOH F 4 .  ? 2.214   0.580   -9.999  1.00 17.44 ? 29 HOH A O     1 
HETATM 524 O  O     . HOH F 4 .  ? 10.201  0.322   -5.050  1.00 9.64  ? 30 HOH A O     1 
HETATM 525 O  O     . HOH F 4 .  ? 3.034   -5.185  -10.163 1.00 13.68 ? 32 HOH A O     1 
HETATM 526 O  O     . HOH F 4 .  ? -13.918 13.772  4.253   1.00 16.13 ? 33 HOH A O     1 
HETATM 527 O  O     . HOH F 4 .  ? -1.562  -6.522  -5.139  1.00 14.86 ? 35 HOH A O     1 
HETATM 528 O  O     . HOH F 4 .  ? -20.485 1.123   1.214   1.00 33.62 ? 36 HOH A O     1 
HETATM 529 O  O     . HOH F 4 .  ? -18.956 3.235   2.841   1.00 30.86 ? 39 HOH A O     1 
HETATM 530 O  O     . HOH F 4 .  ? 18.308  8.435   10.283  1.00 22.15 ? 40 HOH A O     1 
HETATM 531 O  O     . HOH F 4 .  ? 0.838   -1.732  -7.799  1.00 27.55 ? 43 HOH A O     1 
HETATM 532 O  O     . HOH F 4 .  ? 4.033   -11.043 -6.950  0.50 57.35 ? 45 HOH A O     1 
HETATM 533 O  O     . HOH F 4 .  ? -0.151  -8.548  6.432   1.00 22.10 ? 46 HOH A O     1 
HETATM 534 O  O     . HOH F 4 .  ? 6.232   6.825   -9.970  1.00 33.72 ? 47 HOH A O     1 
HETATM 535 O  O     . HOH F 4 .  ? 14.692  11.173  5.791   1.00 42.09 ? 48 HOH A O     1 
HETATM 536 O  O     . HOH F 4 .  ? 12.484  4.768   8.398   1.00 25.02 ? 49 HOH A O     1 
HETATM 537 O  O     . HOH F 4 .  ? 13.571  5.956   11.797  1.00 30.01 ? 50 HOH A O     1 
HETATM 538 O  O     . HOH F 4 .  ? -4.885  -1.218  -5.261  1.00 24.36 ? 51 HOH A O     1 
HETATM 539 O  O     . HOH F 4 .  ? 16.193  -3.603  5.693   1.00 20.53 ? 52 HOH A O     1 
HETATM 540 O  O     . HOH F 4 .  ? -4.439  -12.145 -1.159  1.00 26.37 ? 53 HOH A O     1 
HETATM 541 O  O     . HOH F 4 .  ? -1.728  1.178   -4.500  1.00 25.67 ? 55 HOH A O     1 
HETATM 542 O  O     . HOH F 4 .  ? -17.010 -1.561  9.607   0.50 43.99 ? 57 HOH A O     1 
HETATM 543 O  O     . HOH F 4 .  ? -11.359 1.555   2.988   1.00 25.16 ? 60 HOH A O     1 
HETATM 544 O  O     . HOH F 4 .  ? 3.794   4.933   -2.621  1.00 35.81 ? 65 HOH A O     1 
HETATM 545 O  O     . HOH F 4 .  ? 13.529  -2.195  5.853   1.00 30.15 ? 67 HOH A O     1 
HETATM 546 O  O     . HOH F 4 .  ? 1.535   1.508   -4.978  1.00 35.68 ? 68 HOH A O     1 
HETATM 547 O  O     . HOH F 4 .  ? 4.336   -10.481 -0.128  1.00 59.22 ? 71 HOH A O     1 
HETATM 548 O  O     . HOH F 4 .  ? -13.609 11.098  4.631   1.00 10.09 ? 72 HOH A O     1 
HETATM 549 O  O     . HOH F 4 .  ? -15.997 9.174   7.510   1.00 11.93 ? 73 HOH A O     1 
HETATM 550 O  O     . HOH F 4 .  ? -16.411 10.286  4.842   1.00 9.20  ? 74 HOH A O     1 
HETATM 551 O  O     . HOH F 4 .  ? -13.189 9.827   7.555   1.00 12.81 ? 75 HOH A O     1 
HETATM 552 O  O     . HOH F 4 .  ? -14.897 -9.818  4.330   1.00 17.66 ? 76 HOH A O     1 
HETATM 553 O  O     . HOH F 4 .  ? -13.267 -8.463  2.727   1.00 27.18 ? 77 HOH A O     1 
HETATM 554 O  O     . HOH F 4 .  ? -12.860 -8.800  5.826   1.00 20.99 ? 78 HOH A O     1 
HETATM 555 O  O     . HOH G 4 .  ? 4.218   -1.469  8.690   1.00 11.00 ? 28 HOH B O     1 
HETATM 556 O  O     . HOH G 4 .  ? 11.745  -2.067  -4.137  1.00 11.48 ? 31 HOH B O     1 
HETATM 557 O  O     . HOH G 4 .  ? -13.781 7.870   -11.750 1.00 27.62 ? 34 HOH B O     1 
HETATM 558 O  O     . HOH G 4 .  ? 6.632   3.007   3.511   1.00 20.62 ? 37 HOH B O     1 
HETATM 559 O  O     . HOH G 4 .  ? -4.878  9.830   -6.554  1.00 26.90 ? 38 HOH B O     1 
HETATM 560 O  O     . HOH G 4 .  ? 11.873  -10.502 -3.098  1.00 21.03 ? 41 HOH B O     1 
HETATM 561 O  O     . HOH G 4 .  ? 4.133   0.929   9.470   1.00 24.03 ? 42 HOH B O     1 
HETATM 562 O  O     . HOH G 4 .  ? -11.467 -3.592  -6.911  1.00 29.10 ? 44 HOH B O     1 
HETATM 563 O  O     . HOH G 4 .  ? -4.549  4.834   -6.584  0.50 53.98 ? 54 HOH B O     1 
HETATM 564 O  O     . HOH G 4 .  ? -5.692  7.362   9.155   0.50 47.10 ? 56 HOH B O     1 
HETATM 565 O  O     . HOH G 4 .  ? 2.591   0.765   11.327  1.00 39.08 ? 58 HOH B O     1 
HETATM 566 O  O     . HOH G 4 .  ? -8.357  -2.300  -6.698  1.00 36.83 ? 59 HOH B O     1 
HETATM 567 O  O     . HOH G 4 .  ? 10.805  -9.677  -5.709  1.00 18.49 ? 61 HOH B O     1 
HETATM 568 O  O     . HOH G 4 .  ? 1.987   2.494   8.111   1.00 21.00 ? 63 HOH B O     1 
HETATM 569 O  O     . HOH G 4 .  ? -14.780 -3.019  -6.598  1.00 28.89 ? 64 HOH B O     1 
HETATM 570 O  O     . HOH G 4 .  ? -4.729  10.710  -3.044  1.00 24.00 ? 69 HOH B O     1 
HETATM 571 O  O     . HOH G 4 .  ? 19.598  -3.878  -1.172  1.00 27.75 ? 70 HOH B O     1 
# 
loop_
_atom_site_anisotrop.id 
_atom_site_anisotrop.type_symbol 
_atom_site_anisotrop.pdbx_label_atom_id 
_atom_site_anisotrop.pdbx_label_alt_id 
_atom_site_anisotrop.pdbx_label_comp_id 
_atom_site_anisotrop.pdbx_label_asym_id 
_atom_site_anisotrop.pdbx_label_seq_id 
_atom_site_anisotrop.pdbx_PDB_ins_code 
_atom_site_anisotrop.U[1][1] 
_atom_site_anisotrop.U[2][2] 
_atom_site_anisotrop.U[3][3] 
_atom_site_anisotrop.U[1][2] 
_atom_site_anisotrop.U[1][3] 
_atom_site_anisotrop.U[2][3] 
_atom_site_anisotrop.pdbx_auth_seq_id 
_atom_site_anisotrop.pdbx_auth_comp_id 
_atom_site_anisotrop.pdbx_auth_asym_id 
_atom_site_anisotrop.pdbx_auth_atom_id 
17  P P . DG A 2  ? 0.2734 0.2328 0.1378 0.0163  -0.0429 0.0088  2  DG A P 
39  P P . DC A 3  ? 0.2204 0.1736 0.2030 0.0506  -0.0006 -0.0174 3  DC A P 
58  P P . DG A 4  ? 0.1989 0.2284 0.1781 0.0251  -0.0546 0.0281  4  DG A P 
80  P P . DA A 5  ? 0.1171 0.1637 0.1796 0.0231  -0.0334 0.0034  5  DA A P 
101 P P . DA A 6  ? 0.1301 0.1133 0.1378 -0.0113 0.0017  -0.0166 6  DA A P 
122 P P . DT A 7  ? 0.1368 0.1106 0.1533 0.0219  0.0330  -0.0050 7  DT A P 
142 P P . DT A 8  ? 0.1837 0.1469 0.1412 0.0172  -0.0099 0.0020  8  DT A P 
162 P P . DC A 9  ? 0.2371 0.2620 0.2781 -0.0118 0.0464  0.0107  9  DC A P 
181 P P . DG A 10 ? 0.2181 0.1911 0.1223 -0.0171 0.0274  0.0023  10 DG A P 
203 P P . DC A 11 ? 0.2911 0.1934 0.2800 0.0733  -0.0004 0.0177  11 DC A P 
222 P P . DG A 12 ? 0.1047 0.1005 0.1648 -0.0136 -0.0030 0.0059  12 DG A P 
260 P P . DG B 2  ? 0.2313 0.2239 0.1837 0.0210  -0.0197 0.0255  14 DG B P 
282 P P . DC B 3  ? 0.2506 0.1875 0.2392 0.0040  -0.0216 0.0248  15 DC B P 
301 P P . DG B 4  ? 0.2734 0.2296 0.1913 -0.0281 -0.0321 0.0341  16 DG B P 
323 P P . DA B 5  ? 0.1828 0.2584 0.1855 0.0178  -0.0067 -0.0211 17 DA B P 
344 P P . DA B 6  ? 0.2853 0.3039 0.2191 0.0937  -0.0766 0.0310  18 DA B P 
365 P P . DT B 7  ? 0.2149 0.1801 0.1839 0.0487  -0.0268 -0.0137 19 DT B P 
385 P P . DT B 8  ? 0.1199 0.0886 0.1245 0.0052  -0.0183 0.0036  20 DT B P 
405 P P . DC B 9  ? 0.1132 0.0765 0.1752 0.0035  -0.0078 -0.0409 21 DC B P 
424 P P . DG B 10 ? 0.1469 0.1612 0.1737 0.0100  0.0344  -0.0347 22 DG B P 
446 P P . DC B 11 ? 0.1543 0.1355 0.1524 -0.0141 -0.0229 -0.0084 23 DC B P 
465 P P . DG B 12 ? 0.1431 0.1407 0.2248 -0.0468 -0.0241 -0.0260 24 DG B P 
519 I I . IB C .  ? 0.2682 0.1789 0.2600 0.0212  0.0759  -0.0353 25 IB A I 
# 
